data_7LGP
#
_entry.id   7LGP
#
_cell.length_a   180.141
_cell.length_b   180.141
_cell.length_c   200.091
_cell.angle_alpha   90.000
_cell.angle_beta   90.000
_cell.angle_gamma   120.000
#
_symmetry.space_group_name_H-M   'H 3 2'
#
loop_
_entity.id
_entity.type
_entity.pdbx_description
1 polymer 'Succinyl-diaminopimelate desuccinylase'
2 non-polymer 'ZINC ION'
3 non-polymer 'CHLORIDE ION'
4 non-polymer 'SODIUM ION'
5 water water
#
_entity_poly.entity_id   1
_entity_poly.type   'polypeptide(L)'
_entity_poly.pdbx_seq_one_letter_code
;SNAMSCPVIELTQQLIRRPSLSPDDAGCQALLIERLQAIGFTVERMDFADTQNFWAWRGQGETLAFAGHTDVVPPGDADR
WINPPFEPTIRDGMLFGRGAADMKGSLAAMVVAAERFVAQHPNHTGRLAFLITSDEEASAHNGTVKVVEALMARNERLDY
CLVGEPSSIEVVGDVVKNGRRGSLTCNLTIHGVQGHVAYPHLADNPVHRAAPFLNELVAIEWDQGNEFFPATSMQIANIQ
AGTGSNNVIPGELFVQFNFRFSTELTDEMIKAQVLALLEKHQLRYTVDWWLSGQPFLTARGKLVDAVVNAVEHYNEIKPQ
LLTTGGTSDGRFIARMGAQVVELGPVNATIHKINECVNAADLQLLARMYQRIMEQLVA
;
_entity_poly.pdbx_strand_id   A,B
#
loop_
_chem_comp.id
_chem_comp.type
_chem_comp.name
_chem_comp.formula
CL non-polymer 'CHLORIDE ION' 'Cl -1'
NA non-polymer 'SODIUM ION' 'Na 1'
ZN non-polymer 'ZINC ION' 'Zn 2'
#
# COMPACT_ATOMS: atom_id res chain seq x y z
N SER A 5 4.65 20.97 -53.70
CA SER A 5 3.95 21.64 -52.55
C SER A 5 3.07 20.63 -51.80
N CYS A 6 3.35 20.46 -50.51
CA CYS A 6 2.62 19.54 -49.62
C CYS A 6 2.15 20.34 -48.41
N PRO A 7 1.09 21.16 -48.55
CA PRO A 7 0.75 22.11 -47.51
C PRO A 7 0.36 21.39 -46.21
N VAL A 8 -0.25 20.20 -46.28
CA VAL A 8 -0.65 19.47 -45.04
C VAL A 8 0.62 19.00 -44.32
N ILE A 9 1.55 18.36 -45.04
CA ILE A 9 2.81 17.89 -44.42
C ILE A 9 3.60 19.09 -43.89
N GLU A 10 3.70 20.16 -44.68
CA GLU A 10 4.52 21.33 -44.32
C GLU A 10 3.96 21.92 -43.02
N LEU A 11 2.64 22.12 -42.92
CA LEU A 11 2.03 22.71 -41.70
C LEU A 11 2.20 21.73 -40.51
N THR A 12 2.09 20.41 -40.70
CA THR A 12 2.29 19.43 -39.62
C THR A 12 3.71 19.57 -39.06
N GLN A 13 4.69 19.64 -39.96
CA GLN A 13 6.11 19.77 -39.56
C GLN A 13 6.31 21.06 -38.74
N GLN A 14 5.70 22.17 -39.15
CA GLN A 14 5.82 23.45 -38.43
CA GLN A 14 5.78 23.47 -38.44
C GLN A 14 5.25 23.28 -37.01
N LEU A 15 4.14 22.55 -36.88
CA LEU A 15 3.49 22.35 -35.56
C LEU A 15 4.37 21.43 -34.71
N ILE A 16 4.90 20.36 -35.28
CA ILE A 16 5.66 19.35 -34.50
C ILE A 16 6.92 20.01 -33.90
N ARG A 17 7.58 20.90 -34.62
CA ARG A 17 8.86 21.48 -34.12
CA ARG A 17 8.85 21.55 -34.16
C ARG A 17 8.60 22.37 -32.89
N ARG A 18 7.37 22.80 -32.68
CA ARG A 18 7.00 23.65 -31.52
C ARG A 18 6.70 22.72 -30.36
N PRO A 19 7.54 22.71 -29.30
CA PRO A 19 7.39 21.71 -28.23
C PRO A 19 6.31 22.15 -27.23
N SER A 20 5.06 21.92 -27.62
CA SER A 20 3.84 22.39 -26.94
C SER A 20 3.46 21.40 -25.83
N LEU A 21 4.36 21.14 -24.86
CA LEU A 21 4.08 20.28 -23.66
C LEU A 21 2.97 20.96 -22.84
N SER A 22 1.86 20.26 -22.60
CA SER A 22 0.66 20.85 -21.95
C SER A 22 1.09 21.62 -20.70
N PRO A 23 0.58 22.82 -20.40
CA PRO A 23 -0.36 23.54 -21.26
C PRO A 23 0.22 24.60 -22.20
N ASP A 24 1.52 24.51 -22.47
CA ASP A 24 2.25 25.50 -23.29
C ASP A 24 1.91 25.32 -24.77
N ASP A 25 1.36 26.33 -25.41
CA ASP A 25 1.02 26.31 -26.85
C ASP A 25 2.29 26.33 -27.70
N ALA A 26 3.36 26.93 -27.18
CA ALA A 26 4.66 27.15 -27.86
C ALA A 26 4.42 27.72 -29.27
N GLY A 27 3.51 28.67 -29.43
CA GLY A 27 3.36 29.38 -30.72
C GLY A 27 2.52 28.66 -31.77
N CYS A 28 1.95 27.49 -31.48
CA CYS A 28 1.09 26.75 -32.44
C CYS A 28 -0.15 27.58 -32.82
N GLN A 29 -0.81 28.22 -31.85
CA GLN A 29 -2.08 28.89 -32.15
C GLN A 29 -1.79 30.15 -32.96
N ALA A 30 -0.67 30.82 -32.73
CA ALA A 30 -0.26 32.00 -33.53
C ALA A 30 -0.16 31.60 -35.02
N LEU A 31 0.35 30.40 -35.30
CA LEU A 31 0.46 29.87 -36.67
C LEU A 31 -0.94 29.62 -37.27
N LEU A 32 -1.80 28.91 -36.55
CA LEU A 32 -3.15 28.54 -37.04
C LEU A 32 -3.99 29.82 -37.20
N ILE A 33 -3.93 30.75 -36.23
CA ILE A 33 -4.74 32.01 -36.27
C ILE A 33 -4.33 32.81 -37.52
N GLU A 34 -3.04 32.86 -37.86
CA GLU A 34 -2.57 33.58 -39.07
CA GLU A 34 -2.57 33.59 -39.06
C GLU A 34 -3.25 32.97 -40.30
N ARG A 35 -3.25 31.64 -40.40
CA ARG A 35 -3.82 30.94 -41.59
C ARG A 35 -5.32 31.22 -41.66
N LEU A 36 -6.02 31.15 -40.54
CA LEU A 36 -7.51 31.28 -40.53
C LEU A 36 -7.91 32.75 -40.81
N GLN A 37 -7.17 33.70 -40.22
CA GLN A 37 -7.40 35.16 -40.46
C GLN A 37 -7.23 35.51 -41.94
N ALA A 38 -6.28 34.86 -42.61
CA ALA A 38 -5.96 35.08 -44.05
C ALA A 38 -7.12 34.65 -44.94
N ILE A 39 -8.02 33.76 -44.48
CA ILE A 39 -9.18 33.32 -45.31
C ILE A 39 -10.50 33.82 -44.70
N GLY A 40 -10.46 34.79 -43.78
CA GLY A 40 -11.66 35.57 -43.41
C GLY A 40 -12.32 35.14 -42.09
N PHE A 41 -11.63 34.39 -41.23
CA PHE A 41 -12.18 33.98 -39.91
C PHE A 41 -12.03 35.13 -38.92
N THR A 42 -13.06 35.35 -38.13
CA THR A 42 -12.99 36.12 -36.87
C THR A 42 -12.44 35.19 -35.80
N VAL A 43 -11.40 35.62 -35.10
CA VAL A 43 -10.74 34.84 -34.02
C VAL A 43 -11.00 35.54 -32.70
N GLU A 44 -11.53 34.83 -31.72
CA GLU A 44 -11.56 35.28 -30.32
C GLU A 44 -10.62 34.39 -29.49
N ARG A 45 -9.57 34.99 -28.94
CA ARG A 45 -8.65 34.26 -28.05
C ARG A 45 -9.32 34.16 -26.69
N MET A 46 -9.19 33.03 -26.03
CA MET A 46 -9.80 32.82 -24.69
C MET A 46 -8.76 32.12 -23.82
N ASP A 47 -7.87 32.93 -23.27
CA ASP A 47 -6.70 32.46 -22.49
C ASP A 47 -7.15 32.42 -21.03
N PHE A 48 -6.92 31.31 -20.35
CA PHE A 48 -7.20 31.14 -18.91
C PHE A 48 -5.95 30.59 -18.23
N ALA A 49 -5.42 31.33 -17.25
CA ALA A 49 -4.20 30.93 -16.52
C ALA A 49 -3.11 30.67 -17.59
N ASP A 50 -2.50 29.48 -17.60
CA ASP A 50 -1.35 29.17 -18.51
C ASP A 50 -1.82 28.46 -19.80
N THR A 51 -3.13 28.38 -20.04
CA THR A 51 -3.72 27.67 -21.19
C THR A 51 -4.15 28.70 -22.23
N GLN A 52 -3.78 28.49 -23.48
CA GLN A 52 -4.26 29.34 -24.60
C GLN A 52 -5.36 28.57 -25.37
N ASN A 53 -6.40 29.28 -25.76
CA ASN A 53 -7.49 28.69 -26.55
C ASN A 53 -7.91 29.71 -27.56
N PHE A 54 -8.57 29.27 -28.63
CA PHE A 54 -9.31 30.21 -29.47
C PHE A 54 -10.57 29.54 -30.01
N TRP A 55 -11.55 30.42 -30.25
CA TRP A 55 -12.80 30.16 -30.99
C TRP A 55 -12.73 31.01 -32.25
N ALA A 56 -12.76 30.39 -33.44
CA ALA A 56 -12.68 31.11 -34.74
C ALA A 56 -13.88 30.71 -35.58
N TRP A 57 -14.43 31.65 -36.36
CA TRP A 57 -15.64 31.36 -37.16
C TRP A 57 -15.64 32.17 -38.44
N ARG A 58 -16.28 31.59 -39.43
CA ARG A 58 -16.47 32.24 -40.75
C ARG A 58 -17.90 31.94 -41.17
N GLY A 59 -18.68 32.98 -41.43
CA GLY A 59 -20.06 32.82 -41.90
C GLY A 59 -21.03 32.82 -40.75
N GLN A 60 -22.30 32.57 -41.04
CA GLN A 60 -23.43 32.72 -40.11
CA GLN A 60 -23.41 32.68 -40.06
C GLN A 60 -24.36 31.50 -40.26
N GLY A 61 -24.91 30.99 -39.18
CA GLY A 61 -26.03 30.04 -39.23
C GLY A 61 -25.67 28.64 -38.80
N GLU A 62 -26.05 27.64 -39.60
CA GLU A 62 -25.84 26.19 -39.31
C GLU A 62 -24.34 25.98 -39.11
N THR A 63 -23.92 25.59 -37.91
CA THR A 63 -22.52 25.68 -37.48
C THR A 63 -21.87 24.30 -37.38
N LEU A 64 -20.80 24.11 -38.15
CA LEU A 64 -19.84 22.98 -38.05
C LEU A 64 -18.54 23.52 -37.44
N ALA A 65 -18.18 23.04 -36.27
CA ALA A 65 -16.91 23.35 -35.59
C ALA A 65 -15.95 22.17 -35.71
N PHE A 66 -14.69 22.43 -36.06
CA PHE A 66 -13.60 21.44 -35.88
C PHE A 66 -12.91 21.73 -34.53
N ALA A 67 -12.72 20.70 -33.72
CA ALA A 67 -12.07 20.82 -32.40
C ALA A 67 -10.78 20.00 -32.37
N GLY A 68 -9.81 20.55 -31.64
CA GLY A 68 -8.50 19.91 -31.45
C GLY A 68 -7.66 20.65 -30.45
N HIS A 69 -6.48 20.10 -30.19
CA HIS A 69 -5.54 20.58 -29.18
C HIS A 69 -4.17 20.68 -29.82
N THR A 70 -3.44 21.74 -29.47
CA THR A 70 -2.05 21.96 -29.92
C THR A 70 -1.06 21.30 -28.98
N ASP A 71 -1.45 21.01 -27.74
CA ASP A 71 -0.50 20.42 -26.77
C ASP A 71 -0.22 18.96 -27.15
N VAL A 72 0.97 18.52 -26.75
CA VAL A 72 1.47 17.13 -26.87
C VAL A 72 1.92 16.67 -25.50
N VAL A 73 1.97 15.37 -25.32
CA VAL A 73 2.51 14.79 -24.07
C VAL A 73 4.04 14.78 -24.18
N PRO A 74 4.74 14.73 -23.04
CA PRO A 74 6.19 14.75 -23.02
C PRO A 74 6.80 13.58 -23.79
N PRO A 75 7.98 13.79 -24.39
CA PRO A 75 8.58 12.76 -25.24
C PRO A 75 9.16 11.57 -24.48
N GLY A 76 9.39 11.72 -23.17
CA GLY A 76 10.21 10.78 -22.39
C GLY A 76 11.68 11.09 -22.60
N ASP A 77 12.54 10.09 -22.58
CA ASP A 77 13.99 10.26 -22.79
C ASP A 77 14.20 10.53 -24.29
N ALA A 78 14.38 11.80 -24.67
CA ALA A 78 14.51 12.25 -26.06
C ALA A 78 15.65 11.51 -26.75
N ASP A 79 16.69 11.14 -26.01
CA ASP A 79 17.93 10.58 -26.60
C ASP A 79 17.67 9.14 -27.06
N ARG A 80 16.57 8.52 -26.64
CA ARG A 80 16.21 7.17 -27.09
C ARG A 80 15.38 7.18 -28.38
N TRP A 81 14.84 8.33 -28.80
CA TRP A 81 14.05 8.39 -30.05
C TRP A 81 14.98 8.18 -31.24
N ILE A 82 14.49 7.66 -32.34
CA ILE A 82 15.34 7.48 -33.55
C ILE A 82 15.71 8.87 -34.08
N ASN A 83 14.73 9.75 -34.19
CA ASN A 83 14.98 11.18 -34.53
C ASN A 83 14.47 12.02 -33.38
N PRO A 84 15.09 13.18 -33.09
CA PRO A 84 14.61 14.01 -32.00
C PRO A 84 13.10 14.21 -32.11
N PRO A 85 12.38 14.10 -30.98
CA PRO A 85 10.91 14.17 -30.98
C PRO A 85 10.35 15.46 -31.57
N PHE A 86 11.09 16.57 -31.51
CA PHE A 86 10.60 17.84 -32.06
C PHE A 86 11.35 18.21 -33.33
N GLU A 87 11.98 17.23 -34.00
CA GLU A 87 12.61 17.43 -35.33
CA GLU A 87 12.64 17.40 -35.33
C GLU A 87 11.88 16.52 -36.31
N PRO A 88 10.79 17.00 -36.94
CA PRO A 88 9.98 16.11 -37.76
C PRO A 88 10.86 15.61 -38.90
N THR A 89 10.75 14.33 -39.22
CA THR A 89 11.52 13.65 -40.28
C THR A 89 10.53 12.76 -41.04
N ILE A 90 10.62 12.76 -42.36
CA ILE A 90 9.87 11.77 -43.19
C ILE A 90 10.84 10.64 -43.53
N ARG A 91 10.54 9.38 -43.18
CA ARG A 91 11.27 8.21 -43.76
CA ARG A 91 11.26 8.23 -43.79
C ARG A 91 10.24 7.13 -44.09
N ASP A 92 10.38 6.53 -45.29
CA ASP A 92 9.52 5.44 -45.81
CA ASP A 92 9.51 5.45 -45.82
C ASP A 92 8.04 5.84 -45.65
N GLY A 93 7.70 7.06 -46.06
CA GLY A 93 6.31 7.57 -46.12
C GLY A 93 5.68 7.86 -44.76
N MET A 94 6.44 7.74 -43.68
CA MET A 94 6.00 8.04 -42.30
C MET A 94 6.62 9.36 -41.81
N LEU A 95 5.81 10.25 -41.21
CA LEU A 95 6.29 11.51 -40.59
C LEU A 95 6.43 11.25 -39.08
N PHE A 96 7.64 11.28 -38.57
CA PHE A 96 8.01 11.03 -37.17
C PHE A 96 8.08 12.32 -36.36
N GLY A 97 7.58 12.28 -35.12
CA GLY A 97 7.65 13.42 -34.19
C GLY A 97 6.52 13.37 -33.20
N ARG A 98 6.78 13.88 -32.01
CA ARG A 98 5.75 14.00 -30.97
C ARG A 98 4.64 14.85 -31.57
N GLY A 99 3.39 14.32 -31.51
CA GLY A 99 2.18 14.97 -31.98
C GLY A 99 1.92 14.76 -33.45
N ALA A 100 2.76 14.00 -34.17
CA ALA A 100 2.47 13.67 -35.58
C ALA A 100 1.09 13.03 -35.68
N ALA A 101 0.75 12.10 -34.79
CA ALA A 101 -0.55 11.38 -34.78
C ALA A 101 -1.53 12.06 -33.81
N ASP A 102 -1.06 12.53 -32.65
CA ASP A 102 -1.94 13.12 -31.61
C ASP A 102 -1.49 14.55 -31.27
N MET A 103 -2.00 15.54 -32.00
CA MET A 103 -2.89 15.47 -33.17
C MET A 103 -2.56 16.62 -34.14
N LYS A 104 -1.29 16.97 -34.27
CA LYS A 104 -0.87 18.11 -35.12
C LYS A 104 -1.10 17.75 -36.60
N GLY A 105 -1.01 16.49 -37.02
CA GLY A 105 -1.39 16.11 -38.38
C GLY A 105 -2.85 16.48 -38.63
N SER A 106 -3.74 16.14 -37.71
CA SER A 106 -5.19 16.47 -37.82
C SER A 106 -5.39 17.99 -37.89
N LEU A 107 -4.69 18.76 -37.05
CA LEU A 107 -4.79 20.24 -37.03
C LEU A 107 -4.42 20.75 -38.42
N ALA A 108 -3.31 20.27 -39.00
CA ALA A 108 -2.86 20.75 -40.31
C ALA A 108 -3.92 20.39 -41.34
N ALA A 109 -4.41 19.15 -41.31
CA ALA A 109 -5.41 18.69 -42.29
C ALA A 109 -6.70 19.53 -42.20
N MET A 110 -7.15 19.91 -41.01
CA MET A 110 -8.41 20.68 -40.87
C MET A 110 -8.18 22.13 -41.32
N VAL A 111 -7.01 22.73 -41.08
CA VAL A 111 -6.73 24.11 -41.56
C VAL A 111 -6.67 24.13 -43.10
N VAL A 112 -5.93 23.21 -43.71
CA VAL A 112 -5.79 23.16 -45.20
C VAL A 112 -7.13 22.82 -45.84
N ALA A 113 -7.89 21.89 -45.26
CA ALA A 113 -9.29 21.63 -45.67
C ALA A 113 -10.09 22.94 -45.68
N ALA A 114 -10.02 23.75 -44.62
CA ALA A 114 -10.74 25.03 -44.52
C ALA A 114 -10.28 25.99 -45.65
N GLU A 115 -8.97 26.07 -45.93
CA GLU A 115 -8.42 26.93 -46.99
C GLU A 115 -8.99 26.48 -48.33
N ARG A 116 -8.99 25.17 -48.61
CA ARG A 116 -9.50 24.63 -49.90
C ARG A 116 -11.02 24.81 -49.98
N PHE A 117 -11.72 24.63 -48.86
CA PHE A 117 -13.19 24.78 -48.80
C PHE A 117 -13.60 26.24 -49.07
N VAL A 118 -12.92 27.20 -48.44
CA VAL A 118 -13.29 28.64 -48.53
C VAL A 118 -12.99 29.16 -49.95
N ALA A 119 -11.90 28.66 -50.57
CA ALA A 119 -11.55 28.89 -51.99
C ALA A 119 -12.69 28.37 -52.87
N GLN A 120 -13.26 27.21 -52.60
CA GLN A 120 -14.35 26.61 -53.43
C GLN A 120 -15.67 27.30 -53.14
N HIS A 121 -15.90 27.79 -51.92
CA HIS A 121 -17.23 28.25 -51.47
C HIS A 121 -17.02 29.51 -50.66
N PRO A 122 -16.58 30.61 -51.31
CA PRO A 122 -16.32 31.86 -50.60
C PRO A 122 -17.56 32.43 -49.92
N ASN A 123 -18.77 32.11 -50.39
CA ASN A 123 -20.05 32.55 -49.75
C ASN A 123 -20.85 31.35 -49.31
N HIS A 124 -20.17 30.38 -48.68
CA HIS A 124 -20.84 29.20 -48.07
C HIS A 124 -22.00 29.70 -47.22
N THR A 125 -23.13 28.99 -47.23
CA THR A 125 -24.38 29.41 -46.56
C THR A 125 -24.33 29.07 -45.07
N GLY A 126 -23.49 28.12 -44.63
CA GLY A 126 -23.36 27.81 -43.19
C GLY A 126 -22.20 28.55 -42.53
N ARG A 127 -21.94 28.21 -41.28
CA ARG A 127 -20.78 28.73 -40.51
C ARG A 127 -19.79 27.59 -40.25
N LEU A 128 -18.51 27.86 -40.49
CA LEU A 128 -17.36 26.97 -40.21
C LEU A 128 -16.59 27.58 -39.06
N ALA A 129 -16.31 26.78 -38.03
CA ALA A 129 -15.64 27.23 -36.80
C ALA A 129 -14.54 26.27 -36.41
N PHE A 130 -13.60 26.79 -35.63
CA PHE A 130 -12.50 26.04 -34.96
C PHE A 130 -12.53 26.37 -33.46
N LEU A 131 -12.35 25.33 -32.66
CA LEU A 131 -12.26 25.44 -31.19
C LEU A 131 -11.00 24.71 -30.77
N ILE A 132 -9.96 25.46 -30.49
CA ILE A 132 -8.57 24.92 -30.33
C ILE A 132 -8.08 25.27 -28.92
N THR A 133 -7.54 24.29 -28.21
CA THR A 133 -6.99 24.39 -26.84
C THR A 133 -5.50 24.00 -26.84
N SER A 134 -4.73 24.55 -25.90
CA SER A 134 -3.32 24.17 -25.64
C SER A 134 -3.29 23.26 -24.42
N ASP A 135 -4.44 22.80 -23.90
CA ASP A 135 -4.43 21.78 -22.83
C ASP A 135 -5.61 20.81 -22.94
N GLU A 136 -5.46 19.79 -23.75
CA GLU A 136 -6.36 18.62 -23.72
C GLU A 136 -5.71 17.48 -22.94
N GLU A 137 -4.37 17.35 -22.96
CA GLU A 137 -3.68 16.12 -22.50
C GLU A 137 -3.50 16.06 -20.97
N ALA A 138 -3.40 17.20 -20.27
CA ALA A 138 -3.00 17.24 -18.83
C ALA A 138 -4.25 17.58 -18.00
N SER A 139 -4.21 18.52 -17.06
CA SER A 139 -5.34 18.75 -16.12
C SER A 139 -6.58 19.21 -16.91
N ALA A 140 -6.41 20.03 -17.95
CA ALA A 140 -7.49 20.47 -18.86
C ALA A 140 -8.57 21.24 -18.08
N HIS A 141 -8.21 21.94 -16.98
CA HIS A 141 -9.19 22.73 -16.19
C HIS A 141 -9.47 24.03 -16.94
N ASN A 142 -8.52 24.47 -17.79
CA ASN A 142 -8.51 25.83 -18.36
C ASN A 142 -8.55 25.82 -19.89
N GLY A 143 -8.93 24.69 -20.49
CA GLY A 143 -8.92 24.56 -21.96
C GLY A 143 -10.32 24.54 -22.50
N THR A 144 -10.66 23.52 -23.27
CA THR A 144 -11.97 23.47 -23.99
C THR A 144 -13.13 23.70 -23.02
N VAL A 145 -13.06 23.18 -21.79
CA VAL A 145 -14.19 23.25 -20.83
C VAL A 145 -14.52 24.74 -20.62
N LYS A 146 -13.51 25.60 -20.59
CA LYS A 146 -13.74 27.03 -20.25
C LYS A 146 -14.26 27.74 -21.49
N VAL A 147 -13.81 27.33 -22.68
CA VAL A 147 -14.35 27.92 -23.95
C VAL A 147 -15.83 27.58 -24.06
N VAL A 148 -16.18 26.32 -23.80
CA VAL A 148 -17.58 25.86 -23.93
C VAL A 148 -18.41 26.62 -22.88
N GLU A 149 -17.93 26.77 -21.64
CA GLU A 149 -18.69 27.57 -20.63
C GLU A 149 -19.00 28.96 -21.20
N ALA A 150 -18.00 29.61 -21.78
CA ALA A 150 -18.14 30.97 -22.36
C ALA A 150 -19.15 30.92 -23.52
N LEU A 151 -19.08 29.91 -24.40
CA LEU A 151 -19.94 29.89 -25.61
C LEU A 151 -21.39 29.65 -25.18
N MET A 152 -21.61 28.75 -24.20
CA MET A 152 -22.98 28.46 -23.70
C MET A 152 -23.52 29.69 -22.96
N ALA A 153 -22.67 30.44 -22.24
CA ALA A 153 -23.08 31.65 -21.50
C ALA A 153 -23.57 32.73 -22.48
N ARG A 154 -23.17 32.70 -23.76
CA ARG A 154 -23.61 33.68 -24.76
C ARG A 154 -24.55 33.05 -25.77
N ASN A 155 -25.07 31.86 -25.47
CA ASN A 155 -26.09 31.16 -26.28
CA ASN A 155 -26.13 31.20 -26.29
C ASN A 155 -25.57 30.91 -27.70
N GLU A 156 -24.30 30.51 -27.80
CA GLU A 156 -23.62 30.29 -29.10
C GLU A 156 -24.29 29.12 -29.82
N ARG A 157 -24.51 29.25 -31.12
CA ARG A 157 -25.04 28.12 -31.91
C ARG A 157 -23.87 27.20 -32.30
N LEU A 158 -23.99 25.90 -32.03
CA LEU A 158 -22.97 24.91 -32.48
C LEU A 158 -23.69 23.58 -32.74
N ASP A 159 -24.01 23.31 -34.00
CA ASP A 159 -24.89 22.17 -34.39
C ASP A 159 -24.05 20.89 -34.45
N TYR A 160 -22.83 21.00 -34.99
CA TYR A 160 -22.01 19.82 -35.32
C TYR A 160 -20.56 20.09 -34.95
N CYS A 161 -19.91 19.11 -34.34
CA CYS A 161 -18.49 19.22 -33.98
C CYS A 161 -17.74 17.97 -34.45
N LEU A 162 -16.75 18.16 -35.30
CA LEU A 162 -15.79 17.09 -35.71
C LEU A 162 -14.53 17.26 -34.84
N VAL A 163 -14.32 16.33 -33.90
CA VAL A 163 -13.08 16.31 -33.08
C VAL A 163 -12.00 15.53 -33.83
N GLY A 164 -10.86 16.16 -34.11
CA GLY A 164 -9.78 15.58 -34.94
C GLY A 164 -8.88 14.57 -34.25
N GLU A 165 -9.25 14.05 -33.07
CA GLU A 165 -8.47 13.08 -32.29
C GLU A 165 -8.23 11.85 -33.17
N PRO A 166 -7.04 11.24 -33.12
CA PRO A 166 -6.74 10.07 -33.97
C PRO A 166 -7.63 8.87 -33.62
N SER A 167 -8.61 8.60 -34.48
CA SER A 167 -9.68 7.59 -34.26
C SER A 167 -9.33 6.24 -34.88
N SER A 168 -8.35 6.19 -35.78
CA SER A 168 -8.19 5.07 -36.73
C SER A 168 -7.25 4.00 -36.17
N ILE A 169 -7.46 2.76 -36.62
CA ILE A 169 -6.75 1.59 -36.06
C ILE A 169 -5.59 1.23 -36.99
N GLU A 170 -5.85 1.11 -38.29
CA GLU A 170 -4.85 0.57 -39.24
C GLU A 170 -4.76 1.48 -40.46
N VAL A 171 -5.89 2.00 -40.95
CA VAL A 171 -5.91 3.00 -42.05
C VAL A 171 -6.83 4.14 -41.67
N VAL A 172 -6.54 5.35 -42.13
CA VAL A 172 -7.39 6.51 -41.76
C VAL A 172 -8.85 6.23 -42.16
N GLY A 173 -9.77 6.43 -41.23
CA GLY A 173 -11.22 6.27 -41.48
C GLY A 173 -11.74 4.85 -41.29
N ASP A 174 -10.93 3.87 -40.89
CA ASP A 174 -11.48 2.50 -40.60
C ASP A 174 -12.44 2.61 -39.40
N VAL A 175 -12.16 3.52 -38.48
CA VAL A 175 -12.94 3.76 -37.24
C VAL A 175 -13.15 5.27 -37.07
N VAL A 176 -14.37 5.62 -36.68
CA VAL A 176 -14.67 6.97 -36.14
CA VAL A 176 -14.80 6.96 -36.21
C VAL A 176 -15.32 6.80 -34.76
N LYS A 177 -15.08 7.76 -33.87
CA LYS A 177 -15.69 7.63 -32.53
C LYS A 177 -16.96 8.46 -32.53
N ASN A 178 -18.09 7.83 -32.27
CA ASN A 178 -19.37 8.57 -32.19
C ASN A 178 -19.78 8.75 -30.73
N GLY A 179 -18.94 8.39 -29.79
CA GLY A 179 -19.24 8.60 -28.38
C GLY A 179 -18.08 8.19 -27.54
N ARG A 180 -18.16 8.48 -26.25
CA ARG A 180 -17.09 8.14 -25.29
C ARG A 180 -17.72 7.85 -23.93
N ARG A 181 -17.12 6.95 -23.18
CA ARG A 181 -17.56 6.64 -21.81
C ARG A 181 -17.24 7.82 -20.88
N GLY A 182 -18.00 7.93 -19.80
CA GLY A 182 -17.62 8.75 -18.65
C GLY A 182 -16.48 8.12 -17.87
N SER A 183 -15.82 8.91 -17.03
CA SER A 183 -14.81 8.41 -16.06
C SER A 183 -15.12 9.03 -14.71
N LEU A 184 -15.36 8.18 -13.71
CA LEU A 184 -15.62 8.60 -12.33
C LEU A 184 -14.76 7.76 -11.40
N THR A 185 -13.98 8.42 -10.56
CA THR A 185 -13.12 7.74 -9.60
C THR A 185 -13.62 7.98 -8.18
N CYS A 186 -13.73 6.89 -7.45
CA CYS A 186 -14.02 6.89 -5.99
C CYS A 186 -12.70 6.71 -5.24
N ASN A 187 -12.31 7.70 -4.45
CA ASN A 187 -11.13 7.63 -3.54
C ASN A 187 -11.69 7.42 -2.13
N LEU A 188 -11.68 6.16 -1.70
CA LEU A 188 -12.45 5.69 -0.51
C LEU A 188 -11.45 5.36 0.61
N THR A 189 -11.67 5.91 1.80
CA THR A 189 -10.87 5.59 3.01
C THR A 189 -11.81 4.96 4.03
N ILE A 190 -11.59 3.68 4.32
CA ILE A 190 -12.34 2.95 5.39
CA ILE A 190 -12.34 2.96 5.38
C ILE A 190 -11.55 3.09 6.70
N HIS A 191 -12.21 3.64 7.70
CA HIS A 191 -11.62 3.97 9.02
C HIS A 191 -11.82 2.79 9.97
N GLY A 192 -10.75 2.42 10.63
CA GLY A 192 -10.77 1.46 11.73
C GLY A 192 -10.09 2.06 12.93
N VAL A 193 -9.47 1.20 13.72
CA VAL A 193 -8.68 1.62 14.92
C VAL A 193 -7.33 0.90 14.84
N GLN A 194 -6.26 1.68 14.67
CA GLN A 194 -4.87 1.17 14.58
C GLN A 194 -4.53 0.45 15.89
N GLY A 195 -3.69 -0.57 15.82
CA GLY A 195 -3.22 -1.23 17.05
C GLY A 195 -2.12 -2.24 16.76
N HIS A 196 -2.02 -3.25 17.60
CA HIS A 196 -0.92 -4.24 17.63
C HIS A 196 -1.53 -5.63 17.56
N VAL A 197 -0.88 -6.56 16.87
CA VAL A 197 -1.45 -7.94 16.66
C VAL A 197 -1.51 -8.70 18.00
N ALA A 198 -0.66 -8.38 18.98
CA ALA A 198 -0.73 -8.99 20.33
C ALA A 198 -2.07 -8.68 21.02
N TYR A 199 -2.75 -7.56 20.69
CA TYR A 199 -4.02 -7.16 21.35
C TYR A 199 -5.07 -6.75 20.32
N PRO A 200 -5.63 -7.72 19.57
CA PRO A 200 -6.57 -7.42 18.49
C PRO A 200 -7.91 -6.87 19.03
N HIS A 201 -8.31 -7.21 20.26
CA HIS A 201 -9.60 -6.76 20.85
C HIS A 201 -9.56 -5.24 21.09
N LEU A 202 -8.36 -4.62 21.17
CA LEU A 202 -8.17 -3.15 21.33
C LEU A 202 -8.11 -2.44 19.96
N ALA A 203 -8.19 -3.17 18.85
CA ALA A 203 -8.11 -2.57 17.49
C ALA A 203 -9.36 -2.93 16.68
N ASP A 204 -9.52 -2.32 15.51
CA ASP A 204 -10.60 -2.69 14.56
C ASP A 204 -9.97 -2.63 13.18
N ASN A 205 -9.72 -3.79 12.57
CA ASN A 205 -8.96 -3.89 11.32
C ASN A 205 -9.86 -3.47 10.18
N PRO A 206 -9.59 -2.32 9.52
CA PRO A 206 -10.47 -1.86 8.44
C PRO A 206 -10.41 -2.77 7.21
N VAL A 207 -9.30 -3.49 7.02
CA VAL A 207 -9.19 -4.46 5.88
C VAL A 207 -10.23 -5.56 6.12
N HIS A 208 -10.31 -6.08 7.33
CA HIS A 208 -11.28 -7.14 7.71
C HIS A 208 -12.70 -6.57 7.52
N ARG A 209 -12.95 -5.35 8.02
CA ARG A 209 -14.32 -4.79 7.99
CA ARG A 209 -14.28 -4.68 7.99
C ARG A 209 -14.72 -4.54 6.54
N ALA A 210 -13.77 -4.17 5.69
CA ALA A 210 -14.04 -3.84 4.27
C ALA A 210 -14.23 -5.10 3.40
N ALA A 211 -13.77 -6.28 3.84
CA ALA A 211 -13.71 -7.46 2.95
C ALA A 211 -15.11 -7.81 2.40
N PRO A 212 -16.20 -7.85 3.19
CA PRO A 212 -17.52 -8.12 2.62
C PRO A 212 -17.99 -7.07 1.60
N PHE A 213 -17.72 -5.80 1.90
CA PHE A 213 -18.00 -4.67 0.98
C PHE A 213 -17.24 -4.86 -0.33
N LEU A 214 -15.93 -5.12 -0.29
CA LEU A 214 -15.11 -5.28 -1.53
C LEU A 214 -15.63 -6.49 -2.33
N ASN A 215 -15.95 -7.59 -1.65
CA ASN A 215 -16.45 -8.81 -2.33
C ASN A 215 -17.74 -8.46 -3.08
N GLU A 216 -18.68 -7.77 -2.46
CA GLU A 216 -19.95 -7.37 -3.12
C GLU A 216 -19.67 -6.35 -4.24
N LEU A 217 -18.80 -5.37 -4.00
CA LEU A 217 -18.52 -4.30 -5.00
C LEU A 217 -18.03 -4.94 -6.31
N VAL A 218 -17.09 -5.88 -6.25
CA VAL A 218 -16.44 -6.36 -7.49
C VAL A 218 -17.42 -7.28 -8.22
N ALA A 219 -18.47 -7.76 -7.55
CA ALA A 219 -19.45 -8.68 -8.20
C ALA A 219 -20.60 -7.88 -8.84
N ILE A 220 -20.74 -6.58 -8.58
CA ILE A 220 -21.91 -5.82 -9.09
C ILE A 220 -21.85 -5.74 -10.63
N GLU A 221 -23.00 -5.90 -11.30
CA GLU A 221 -23.17 -5.55 -12.74
C GLU A 221 -23.82 -4.16 -12.78
N TRP A 222 -23.09 -3.13 -13.20
CA TRP A 222 -23.54 -1.73 -13.05
C TRP A 222 -24.63 -1.42 -14.10
N ASP A 223 -24.51 -1.97 -15.31
CA ASP A 223 -25.53 -1.84 -16.38
C ASP A 223 -25.21 -2.96 -17.38
N GLN A 224 -25.92 -3.02 -18.50
CA GLN A 224 -25.71 -4.11 -19.49
C GLN A 224 -25.26 -3.46 -20.79
N GLY A 225 -24.77 -2.22 -20.73
CA GLY A 225 -24.45 -1.42 -21.93
C GLY A 225 -25.67 -1.16 -22.80
N ASN A 226 -25.45 -0.84 -24.07
CA ASN A 226 -26.56 -0.58 -25.01
C ASN A 226 -26.00 -0.82 -26.41
N GLU A 227 -26.63 -0.26 -27.45
CA GLU A 227 -26.26 -0.49 -28.87
CA GLU A 227 -26.23 -0.59 -28.83
C GLU A 227 -24.83 -0.02 -29.10
N PHE A 228 -24.39 1.04 -28.41
CA PHE A 228 -23.12 1.73 -28.74
C PHE A 228 -22.01 1.55 -27.69
N PHE A 229 -22.36 1.07 -26.50
CA PHE A 229 -21.43 0.93 -25.35
C PHE A 229 -21.45 -0.49 -24.80
N PRO A 230 -20.31 -0.98 -24.31
CA PRO A 230 -20.26 -2.21 -23.53
C PRO A 230 -20.79 -1.85 -22.14
N ALA A 231 -20.93 -2.85 -21.28
CA ALA A 231 -21.30 -2.67 -19.85
C ALA A 231 -20.32 -1.66 -19.24
N THR A 232 -20.83 -0.77 -18.40
CA THR A 232 -20.02 0.05 -17.47
C THR A 232 -19.00 -0.85 -16.79
N SER A 233 -17.74 -0.42 -16.73
CA SER A 233 -16.62 -1.21 -16.17
C SER A 233 -16.11 -0.55 -14.89
N MET A 234 -16.15 -1.28 -13.78
CA MET A 234 -15.59 -0.85 -12.48
CA MET A 234 -15.56 -0.83 -12.50
C MET A 234 -14.29 -1.62 -12.23
N GLN A 235 -13.19 -0.91 -12.02
CA GLN A 235 -11.88 -1.54 -11.69
C GLN A 235 -11.29 -0.88 -10.45
N ILE A 236 -10.86 -1.71 -9.50
CA ILE A 236 -10.08 -1.23 -8.35
C ILE A 236 -8.64 -0.99 -8.86
N ALA A 237 -8.25 0.27 -9.05
CA ALA A 237 -6.91 0.63 -9.54
C ALA A 237 -5.88 0.54 -8.40
N ASN A 238 -6.25 0.90 -7.18
CA ASN A 238 -5.24 0.95 -6.08
C ASN A 238 -5.88 0.52 -4.75
N ILE A 239 -5.12 -0.19 -3.93
CA ILE A 239 -5.58 -0.52 -2.57
C ILE A 239 -4.34 -0.50 -1.69
N GLN A 240 -4.44 0.07 -0.49
CA GLN A 240 -3.28 0.17 0.43
CA GLN A 240 -3.28 0.22 0.42
C GLN A 240 -3.78 0.18 1.87
N ALA A 241 -3.13 -0.60 2.72
CA ALA A 241 -3.24 -0.49 4.19
C ALA A 241 -1.94 -1.01 4.81
N GLY A 242 -1.54 -0.40 5.94
CA GLY A 242 -0.43 -0.83 6.79
C GLY A 242 0.80 0.06 6.67
N THR A 243 1.74 -0.13 7.60
CA THR A 243 3.02 0.62 7.76
C THR A 243 4.21 -0.16 7.17
N GLY A 244 3.99 -1.42 6.78
CA GLY A 244 5.04 -2.35 6.30
C GLY A 244 5.53 -3.25 7.42
N SER A 245 5.07 -3.03 8.65
CA SER A 245 5.35 -3.91 9.82
C SER A 245 4.31 -5.04 9.89
N ASN A 246 4.74 -6.27 10.17
CA ASN A 246 3.83 -7.43 10.32
C ASN A 246 3.20 -7.51 11.73
N ASN A 247 3.36 -6.54 12.62
CA ASN A 247 2.78 -6.61 13.99
C ASN A 247 1.79 -5.44 14.26
N VAL A 248 1.49 -4.66 13.24
CA VAL A 248 0.57 -3.48 13.33
C VAL A 248 -0.77 -3.87 12.71
N ILE A 249 -1.86 -3.66 13.42
CA ILE A 249 -3.23 -3.69 12.82
C ILE A 249 -3.46 -2.30 12.25
N PRO A 250 -3.65 -2.15 10.91
CA PRO A 250 -3.75 -0.81 10.33
C PRO A 250 -4.98 -0.06 10.82
N GLY A 251 -4.91 1.26 10.82
CA GLY A 251 -6.01 2.15 11.24
C GLY A 251 -6.88 2.59 10.08
N GLU A 252 -6.39 2.47 8.84
CA GLU A 252 -7.07 2.99 7.63
C GLU A 252 -6.84 2.00 6.50
N LEU A 253 -7.85 1.85 5.65
CA LEU A 253 -7.73 1.19 4.33
C LEU A 253 -8.09 2.22 3.25
N PHE A 254 -7.23 2.34 2.24
CA PHE A 254 -7.47 3.21 1.06
C PHE A 254 -7.78 2.28 -0.11
N VAL A 255 -8.89 2.54 -0.78
CA VAL A 255 -9.28 1.85 -2.03
C VAL A 255 -9.61 2.91 -3.04
N GLN A 256 -9.01 2.84 -4.22
CA GLN A 256 -9.41 3.72 -5.34
C GLN A 256 -10.01 2.84 -6.45
N PHE A 257 -11.24 3.14 -6.85
CA PHE A 257 -11.89 2.41 -7.96
C PHE A 257 -12.42 3.41 -8.97
N ASN A 258 -12.26 3.02 -10.23
CA ASN A 258 -12.64 3.83 -11.41
C ASN A 258 -13.83 3.17 -12.09
N PHE A 259 -14.72 4.00 -12.63
CA PHE A 259 -15.83 3.59 -13.49
C PHE A 259 -15.60 4.24 -14.86
N ARG A 260 -15.51 3.41 -15.88
CA ARG A 260 -15.68 3.87 -17.28
C ARG A 260 -17.11 3.50 -17.66
N PHE A 261 -17.98 4.49 -17.70
CA PHE A 261 -19.44 4.27 -17.67
C PHE A 261 -20.10 4.74 -18.95
N SER A 262 -21.15 4.01 -19.29
CA SER A 262 -21.97 4.22 -20.49
C SER A 262 -23.01 5.30 -20.21
N THR A 263 -23.69 5.72 -21.27
CA THR A 263 -24.86 6.62 -21.19
C THR A 263 -26.00 5.97 -20.45
N GLU A 264 -25.95 4.68 -20.07
CA GLU A 264 -27.02 4.07 -19.26
C GLU A 264 -26.95 4.59 -17.81
N LEU A 265 -25.83 5.16 -17.37
CA LEU A 265 -25.65 5.61 -15.97
C LEU A 265 -25.22 7.07 -15.96
N THR A 266 -25.59 7.78 -14.91
CA THR A 266 -25.06 9.12 -14.60
C THR A 266 -24.10 8.95 -13.43
N ASP A 267 -23.23 9.93 -13.23
CA ASP A 267 -22.34 9.93 -12.06
C ASP A 267 -23.19 9.87 -10.77
N GLU A 268 -24.35 10.53 -10.73
CA GLU A 268 -25.12 10.59 -9.46
CA GLU A 268 -25.24 10.61 -9.54
C GLU A 268 -25.71 9.20 -9.17
N MET A 269 -26.11 8.44 -10.18
CA MET A 269 -26.61 7.06 -10.01
C MET A 269 -25.51 6.16 -9.43
N ILE A 270 -24.30 6.29 -9.95
CA ILE A 270 -23.17 5.42 -9.49
C ILE A 270 -22.84 5.81 -8.05
N LYS A 271 -22.73 7.11 -7.79
CA LYS A 271 -22.42 7.58 -6.42
C LYS A 271 -23.47 7.07 -5.44
N ALA A 272 -24.76 7.15 -5.78
CA ALA A 272 -25.84 6.75 -4.84
C ALA A 272 -25.71 5.25 -4.55
N GLN A 273 -25.47 4.45 -5.59
CA GLN A 273 -25.37 2.98 -5.45
C GLN A 273 -24.18 2.62 -4.54
N VAL A 274 -23.05 3.33 -4.69
CA VAL A 274 -21.82 3.09 -3.89
C VAL A 274 -22.10 3.49 -2.45
N LEU A 275 -22.63 4.68 -2.22
CA LEU A 275 -22.95 5.15 -0.83
C LEU A 275 -23.92 4.16 -0.19
N ALA A 276 -24.95 3.71 -0.90
CA ALA A 276 -25.90 2.71 -0.36
C ALA A 276 -25.17 1.44 0.07
N LEU A 277 -24.20 0.99 -0.71
CA LEU A 277 -23.48 -0.27 -0.42
C LEU A 277 -22.61 -0.06 0.83
N LEU A 278 -22.00 1.12 0.98
CA LEU A 278 -21.18 1.44 2.17
C LEU A 278 -22.09 1.45 3.42
N GLU A 279 -23.30 1.97 3.27
CA GLU A 279 -24.29 2.07 4.38
CA GLU A 279 -24.31 2.06 4.38
C GLU A 279 -24.77 0.66 4.75
N LYS A 280 -25.11 -0.16 3.75
CA LYS A 280 -25.51 -1.56 4.00
C LYS A 280 -24.42 -2.29 4.79
N HIS A 281 -23.13 -2.06 4.51
CA HIS A 281 -22.02 -2.77 5.21
C HIS A 281 -21.62 -2.03 6.49
N GLN A 282 -22.26 -0.90 6.78
CA GLN A 282 -22.09 -0.16 8.05
C GLN A 282 -20.63 0.26 8.21
N LEU A 283 -19.99 0.75 7.15
CA LEU A 283 -18.57 1.16 7.25
C LEU A 283 -18.49 2.61 7.72
N ARG A 284 -17.44 2.93 8.47
CA ARG A 284 -17.00 4.31 8.73
CA ARG A 284 -17.01 4.32 8.71
C ARG A 284 -16.05 4.69 7.59
N TYR A 285 -16.36 5.75 6.85
CA TYR A 285 -15.56 6.05 5.63
C TYR A 285 -15.51 7.56 5.40
N THR A 286 -14.49 7.98 4.66
CA THR A 286 -14.39 9.29 4.00
C THR A 286 -14.21 8.99 2.52
N VAL A 287 -14.89 9.74 1.66
CA VAL A 287 -14.82 9.52 0.19
C VAL A 287 -14.57 10.88 -0.50
N ASP A 288 -13.76 10.84 -1.55
CA ASP A 288 -13.47 11.96 -2.47
CA ASP A 288 -13.50 11.96 -2.48
C ASP A 288 -13.76 11.43 -3.89
N TRP A 289 -14.68 12.03 -4.61
CA TRP A 289 -15.02 11.60 -5.99
C TRP A 289 -14.24 12.46 -6.99
N TRP A 290 -13.77 11.90 -8.09
CA TRP A 290 -13.23 12.69 -9.21
C TRP A 290 -14.11 12.40 -10.41
N LEU A 291 -14.74 13.39 -11.02
CA LEU A 291 -15.46 13.18 -12.30
C LEU A 291 -14.60 13.74 -13.40
N SER A 292 -13.92 12.91 -14.18
CA SER A 292 -12.97 13.45 -15.20
CA SER A 292 -12.96 13.37 -15.21
C SER A 292 -13.68 13.60 -16.55
N GLY A 293 -14.87 13.00 -16.69
CA GLY A 293 -15.66 13.16 -17.90
C GLY A 293 -17.02 12.52 -17.81
N GLN A 294 -17.94 13.07 -18.56
CA GLN A 294 -19.30 12.55 -18.73
C GLN A 294 -19.36 11.86 -20.08
N PRO A 295 -20.17 10.79 -20.19
CA PRO A 295 -20.30 10.05 -21.43
C PRO A 295 -21.05 10.93 -22.42
N PHE A 296 -20.87 10.69 -23.71
CA PHE A 296 -21.66 11.34 -24.77
C PHE A 296 -21.81 10.33 -25.88
N LEU A 297 -22.86 10.52 -26.68
CA LEU A 297 -23.16 9.62 -27.81
C LEU A 297 -23.88 10.40 -28.90
N THR A 298 -23.41 10.27 -30.13
CA THR A 298 -24.09 10.81 -31.32
C THR A 298 -24.49 9.60 -32.16
N ALA A 299 -25.68 9.07 -31.97
CA ALA A 299 -26.10 7.77 -32.53
C ALA A 299 -26.34 7.93 -34.04
N ARG A 300 -26.81 9.11 -34.47
CA ARG A 300 -27.31 9.30 -35.85
C ARG A 300 -27.32 10.80 -36.13
N GLY A 301 -27.62 11.18 -37.36
CA GLY A 301 -27.84 12.60 -37.71
C GLY A 301 -27.02 13.02 -38.90
N LYS A 302 -27.11 14.31 -39.24
CA LYS A 302 -26.47 14.91 -40.43
CA LYS A 302 -26.48 14.84 -40.46
C LYS A 302 -24.94 14.78 -40.29
N LEU A 303 -24.41 14.90 -39.07
CA LEU A 303 -22.93 14.87 -38.92
C LEU A 303 -22.44 13.43 -39.17
N VAL A 304 -23.04 12.45 -38.52
CA VAL A 304 -22.71 11.02 -38.74
C VAL A 304 -22.80 10.71 -40.24
N ASP A 305 -23.93 11.03 -40.88
CA ASP A 305 -24.11 10.81 -42.33
C ASP A 305 -22.95 11.45 -43.10
N ALA A 306 -22.60 12.71 -42.81
CA ALA A 306 -21.56 13.43 -43.56
C ALA A 306 -20.20 12.74 -43.38
N VAL A 307 -19.89 12.33 -42.16
CA VAL A 307 -18.57 11.70 -41.87
C VAL A 307 -18.53 10.34 -42.57
N VAL A 308 -19.58 9.55 -42.44
CA VAL A 308 -19.65 8.20 -43.06
C VAL A 308 -19.49 8.39 -44.59
N ASN A 309 -20.18 9.36 -45.17
CA ASN A 309 -20.15 9.57 -46.65
C ASN A 309 -18.73 10.02 -47.10
N ALA A 310 -18.11 10.93 -46.36
CA ALA A 310 -16.76 11.44 -46.72
C ALA A 310 -15.77 10.28 -46.68
N VAL A 311 -15.83 9.48 -45.61
CA VAL A 311 -14.91 8.32 -45.45
C VAL A 311 -15.17 7.33 -46.60
N GLU A 312 -16.42 6.98 -46.81
CA GLU A 312 -16.83 5.97 -47.81
C GLU A 312 -16.34 6.44 -49.19
N HIS A 313 -16.42 7.73 -49.43
CA HIS A 313 -16.04 8.29 -50.75
C HIS A 313 -14.68 7.72 -51.13
N TYR A 314 -13.72 7.64 -50.19
CA TYR A 314 -12.35 7.19 -50.50
C TYR A 314 -12.20 5.70 -50.19
N ASN A 315 -12.71 5.23 -49.06
CA ASN A 315 -12.42 3.88 -48.53
C ASN A 315 -13.40 2.82 -49.06
N GLU A 316 -14.56 3.26 -49.55
CA GLU A 316 -15.73 2.42 -49.96
CA GLU A 316 -15.75 2.48 -49.97
C GLU A 316 -16.46 1.92 -48.73
N ILE A 317 -15.72 1.33 -47.81
CA ILE A 317 -16.37 0.68 -46.64
C ILE A 317 -16.64 1.76 -45.58
N LYS A 318 -17.80 1.69 -44.93
CA LYS A 318 -18.18 2.65 -43.87
C LYS A 318 -17.22 2.44 -42.69
N PRO A 319 -16.85 3.53 -42.03
CA PRO A 319 -16.12 3.44 -40.77
C PRO A 319 -16.96 2.66 -39.74
N GLN A 320 -16.34 1.91 -38.85
CA GLN A 320 -17.01 1.46 -37.62
C GLN A 320 -17.27 2.68 -36.75
N LEU A 321 -18.45 2.75 -36.13
CA LEU A 321 -18.82 3.85 -35.22
C LEU A 321 -18.62 3.33 -33.79
N LEU A 322 -17.50 3.68 -33.17
CA LEU A 322 -17.09 3.07 -31.88
C LEU A 322 -17.08 4.09 -30.73
N THR A 323 -16.98 3.55 -29.51
CA THR A 323 -16.93 4.33 -28.24
C THR A 323 -15.72 3.87 -27.43
N THR A 324 -14.77 3.22 -28.08
CA THR A 324 -13.61 2.56 -27.43
C THR A 324 -12.62 3.59 -26.93
N GLY A 325 -11.75 3.15 -26.02
CA GLY A 325 -10.61 3.93 -25.53
C GLY A 325 -11.01 4.88 -24.41
N GLY A 326 -10.33 6.02 -24.36
CA GLY A 326 -10.53 7.04 -23.33
C GLY A 326 -11.65 7.98 -23.72
N THR A 327 -11.36 9.27 -23.75
CA THR A 327 -12.33 10.32 -24.12
C THR A 327 -11.56 11.44 -24.84
N SER A 328 -12.22 12.55 -25.07
CA SER A 328 -11.66 13.72 -25.77
C SER A 328 -12.40 14.94 -25.27
N ASP A 329 -12.06 16.10 -25.80
CA ASP A 329 -12.75 17.35 -25.43
C ASP A 329 -14.14 17.35 -26.05
N GLY A 330 -14.47 16.40 -26.92
CA GLY A 330 -15.86 16.13 -27.30
C GLY A 330 -16.83 16.07 -26.13
N ARG A 331 -16.39 15.56 -24.99
CA ARG A 331 -17.24 15.40 -23.79
C ARG A 331 -17.72 16.78 -23.33
N PHE A 332 -16.93 17.84 -23.52
CA PHE A 332 -17.31 19.21 -23.12
C PHE A 332 -18.27 19.77 -24.17
N ILE A 333 -17.93 19.56 -25.44
CA ILE A 333 -18.67 20.20 -26.56
C ILE A 333 -20.06 19.58 -26.67
N ALA A 334 -20.19 18.32 -26.28
CA ALA A 334 -21.49 17.60 -26.27
C ALA A 334 -22.45 18.32 -25.31
N ARG A 335 -21.95 18.99 -24.27
CA ARG A 335 -22.83 19.72 -23.32
C ARG A 335 -23.65 20.79 -24.06
N MET A 336 -23.20 21.26 -25.21
CA MET A 336 -23.89 22.35 -25.95
C MET A 336 -25.06 21.78 -26.76
N GLY A 337 -25.33 20.47 -26.67
CA GLY A 337 -26.37 19.82 -27.50
C GLY A 337 -25.84 19.49 -28.91
N ALA A 338 -24.56 19.71 -29.17
CA ALA A 338 -23.98 19.46 -30.50
C ALA A 338 -23.94 17.94 -30.78
N GLN A 339 -24.10 17.58 -32.04
CA GLN A 339 -23.66 16.26 -32.58
C GLN A 339 -22.13 16.31 -32.56
N VAL A 340 -21.49 15.23 -32.10
CA VAL A 340 -20.01 15.17 -31.92
C VAL A 340 -19.51 13.83 -32.45
N VAL A 341 -18.60 13.88 -33.42
CA VAL A 341 -17.94 12.67 -33.96
C VAL A 341 -16.45 12.96 -34.02
N GLU A 342 -15.62 11.92 -33.89
CA GLU A 342 -14.15 12.04 -33.93
C GLU A 342 -13.64 11.25 -35.13
N LEU A 343 -12.88 11.92 -35.98
CA LEU A 343 -12.19 11.34 -37.15
C LEU A 343 -10.78 11.91 -37.18
N GLY A 344 -9.81 11.01 -37.26
CA GLY A 344 -8.39 11.37 -37.25
C GLY A 344 -7.57 10.17 -37.71
N PRO A 345 -6.25 10.34 -37.74
CA PRO A 345 -5.36 9.29 -38.20
C PRO A 345 -5.26 8.09 -37.26
N VAL A 346 -4.41 7.16 -37.67
CA VAL A 346 -4.09 5.94 -36.92
C VAL A 346 -3.53 6.30 -35.56
N ASN A 347 -4.02 5.64 -34.53
CA ASN A 347 -3.62 6.03 -33.16
C ASN A 347 -2.59 5.07 -32.54
N ALA A 348 -2.01 4.13 -33.28
CA ALA A 348 -1.16 3.05 -32.71
C ALA A 348 0.02 3.65 -31.92
N THR A 349 0.60 4.78 -32.36
CA THR A 349 1.86 5.28 -31.77
C THR A 349 1.64 6.50 -30.87
N ILE A 350 0.40 6.86 -30.54
CA ILE A 350 0.17 8.07 -29.70
C ILE A 350 0.78 7.86 -28.31
N HIS A 351 1.35 8.92 -27.76
CA HIS A 351 1.91 8.96 -26.38
C HIS A 351 3.10 8.02 -26.25
N LYS A 352 3.65 7.52 -27.36
CA LYS A 352 4.79 6.57 -27.27
C LYS A 352 6.04 7.18 -27.89
N ILE A 353 7.17 6.57 -27.60
CA ILE A 353 8.47 6.87 -28.28
CA ILE A 353 8.47 6.87 -28.27
C ILE A 353 8.29 6.66 -29.78
N ASN A 354 8.95 7.47 -30.61
CA ASN A 354 8.96 7.35 -32.10
C ASN A 354 7.52 7.42 -32.63
N GLU A 355 6.68 8.25 -32.03
CA GLU A 355 5.33 8.57 -32.57
C GLU A 355 5.50 8.94 -34.04
N CYS A 356 4.59 8.48 -34.88
CA CYS A 356 4.64 8.82 -36.32
C CYS A 356 3.27 8.69 -36.94
N VAL A 357 3.12 9.22 -38.15
CA VAL A 357 1.85 9.15 -38.89
C VAL A 357 2.16 9.02 -40.38
N ASN A 358 1.35 8.22 -41.06
CA ASN A 358 1.49 7.97 -42.52
C ASN A 358 1.21 9.29 -43.23
N ALA A 359 2.14 9.78 -44.04
CA ALA A 359 2.00 11.11 -44.67
C ALA A 359 0.84 11.10 -45.67
N ALA A 360 0.69 10.02 -46.45
CA ALA A 360 -0.44 9.88 -47.43
C ALA A 360 -1.78 9.89 -46.68
N ASP A 361 -1.82 9.31 -45.47
CA ASP A 361 -3.05 9.26 -44.63
C ASP A 361 -3.40 10.69 -44.22
N LEU A 362 -2.43 11.53 -43.86
CA LEU A 362 -2.74 12.94 -43.49
C LEU A 362 -3.36 13.64 -44.70
N GLN A 363 -2.81 13.38 -45.88
CA GLN A 363 -3.27 14.08 -47.11
C GLN A 363 -4.72 13.63 -47.34
N LEU A 364 -5.00 12.34 -47.19
CA LEU A 364 -6.35 11.75 -47.40
C LEU A 364 -7.33 12.34 -46.37
N LEU A 365 -6.89 12.49 -45.13
CA LEU A 365 -7.73 13.00 -44.01
C LEU A 365 -8.15 14.42 -44.38
N ALA A 366 -7.24 15.22 -44.91
CA ALA A 366 -7.55 16.62 -45.30
C ALA A 366 -8.67 16.62 -46.34
N ARG A 367 -8.63 15.68 -47.29
CA ARG A 367 -9.69 15.56 -48.32
C ARG A 367 -11.02 15.13 -47.67
N MET A 368 -11.00 14.19 -46.74
CA MET A 368 -12.21 13.74 -46.03
C MET A 368 -12.80 14.91 -45.24
N TYR A 369 -11.98 15.65 -44.49
CA TYR A 369 -12.45 16.84 -43.71
C TYR A 369 -13.12 17.83 -44.68
N GLN A 370 -12.51 18.07 -45.84
CA GLN A 370 -13.07 19.08 -46.77
C GLN A 370 -14.45 18.61 -47.23
N ARG A 371 -14.62 17.31 -47.48
CA ARG A 371 -15.92 16.76 -47.91
C ARG A 371 -16.94 16.95 -46.81
N ILE A 372 -16.55 16.80 -45.54
CA ILE A 372 -17.51 17.02 -44.42
C ILE A 372 -17.94 18.49 -44.43
N MET A 373 -16.99 19.42 -44.59
CA MET A 373 -17.29 20.87 -44.66
C MET A 373 -18.30 21.15 -45.80
N GLU A 374 -18.06 20.57 -46.96
CA GLU A 374 -18.88 20.82 -48.18
C GLU A 374 -20.31 20.34 -47.90
N GLN A 375 -20.48 19.16 -47.31
CA GLN A 375 -21.82 18.54 -47.07
CA GLN A 375 -21.83 18.57 -47.09
C GLN A 375 -22.61 19.40 -46.07
N LEU A 376 -21.94 19.91 -45.03
CA LEU A 376 -22.66 20.52 -43.89
C LEU A 376 -22.69 22.04 -44.00
N VAL A 377 -21.73 22.70 -44.63
CA VAL A 377 -21.56 24.17 -44.49
C VAL A 377 -21.77 24.88 -45.83
N ALA A 378 -21.59 24.21 -46.97
CA ALA A 378 -21.62 24.91 -48.27
C ALA A 378 -23.00 25.54 -48.44
N ASN B 2 24.24 3.44 50.32
CA ASN B 2 23.88 2.21 51.08
C ASN B 2 24.35 0.92 50.37
N ALA B 3 25.34 1.00 49.47
CA ALA B 3 25.80 -0.13 48.61
C ALA B 3 26.17 -1.35 49.46
N MET B 4 26.70 -1.16 50.67
CA MET B 4 27.17 -2.25 51.56
C MET B 4 25.99 -3.09 52.08
N SER B 5 24.77 -2.55 52.11
CA SER B 5 23.56 -3.23 52.63
C SER B 5 22.47 -3.37 51.54
N CYS B 6 22.71 -2.88 50.32
CA CYS B 6 21.73 -2.90 49.20
C CYS B 6 22.36 -3.48 47.94
N PRO B 7 22.74 -4.78 47.92
CA PRO B 7 23.48 -5.33 46.78
C PRO B 7 22.66 -5.43 45.49
N VAL B 8 21.33 -5.62 45.56
CA VAL B 8 20.51 -5.72 44.32
C VAL B 8 20.47 -4.35 43.65
N ILE B 9 20.21 -3.30 44.42
CA ILE B 9 20.03 -1.95 43.82
C ILE B 9 21.37 -1.54 43.22
N GLU B 10 22.43 -1.78 43.98
CA GLU B 10 23.81 -1.43 43.59
C GLU B 10 24.16 -2.07 42.24
N LEU B 11 23.90 -3.38 42.08
CA LEU B 11 24.26 -4.10 40.83
C LEU B 11 23.30 -3.62 39.72
N THR B 12 22.03 -3.35 40.02
CA THR B 12 21.09 -2.80 39.01
C THR B 12 21.63 -1.48 38.46
N GLN B 13 21.98 -0.54 39.32
CA GLN B 13 22.42 0.80 38.88
CA GLN B 13 22.49 0.82 38.97
C GLN B 13 23.75 0.64 38.12
N GLN B 14 24.62 -0.24 38.55
CA GLN B 14 25.86 -0.45 37.77
CA GLN B 14 25.87 -0.55 37.79
C GLN B 14 25.52 -0.88 36.33
N LEU B 15 24.62 -1.84 36.13
CA LEU B 15 24.21 -2.33 34.79
C LEU B 15 23.56 -1.23 33.95
N ILE B 16 22.69 -0.43 34.56
CA ILE B 16 21.91 0.64 33.87
C ILE B 16 22.90 1.60 33.19
N ARG B 17 24.05 1.83 33.82
CA ARG B 17 25.06 2.83 33.38
C ARG B 17 25.67 2.43 32.04
N ARG B 18 25.59 1.14 31.72
CA ARG B 18 26.16 0.59 30.47
CA ARG B 18 26.15 0.55 30.48
C ARG B 18 25.11 0.73 29.38
N PRO B 19 25.42 1.50 28.32
CA PRO B 19 24.46 1.73 27.23
C PRO B 19 24.43 0.50 26.30
N SER B 20 23.82 -0.58 26.80
CA SER B 20 23.82 -1.91 26.16
C SER B 20 22.71 -1.94 25.11
N LEU B 21 22.71 -0.98 24.17
CA LEU B 21 21.73 -0.96 23.06
C LEU B 21 21.92 -2.21 22.21
N SER B 22 20.84 -2.98 21.94
CA SER B 22 20.96 -4.30 21.29
C SER B 22 21.75 -4.10 20.00
N PRO B 23 22.72 -4.98 19.64
CA PRO B 23 23.15 -6.08 20.48
C PRO B 23 24.44 -5.92 21.29
N ASP B 24 24.90 -4.69 21.62
CA ASP B 24 26.18 -4.46 22.36
C ASP B 24 25.85 -4.71 23.83
N ASP B 25 26.62 -5.60 24.42
CA ASP B 25 26.58 -5.92 25.86
C ASP B 25 27.14 -4.75 26.66
N ALA B 26 28.05 -3.97 26.05
CA ALA B 26 28.65 -2.78 26.69
C ALA B 26 29.31 -3.18 28.01
N GLY B 27 29.78 -4.43 28.10
CA GLY B 27 30.52 -4.91 29.29
C GLY B 27 29.64 -5.45 30.41
N CYS B 28 28.31 -5.55 30.22
CA CYS B 28 27.40 -6.04 31.30
C CYS B 28 27.74 -7.48 31.67
N GLN B 29 27.97 -8.35 30.69
CA GLN B 29 28.16 -9.79 31.01
C GLN B 29 29.45 -9.98 31.83
N ALA B 30 30.47 -9.15 31.64
CA ALA B 30 31.74 -9.27 32.39
C ALA B 30 31.45 -9.06 33.87
N LEU B 31 30.52 -8.15 34.19
CA LEU B 31 30.14 -7.91 35.60
C LEU B 31 29.41 -9.14 36.14
N LEU B 32 28.49 -9.71 35.39
CA LEU B 32 27.71 -10.88 35.88
C LEU B 32 28.70 -12.04 36.02
N ILE B 33 29.57 -12.22 35.05
CA ILE B 33 30.48 -13.40 35.05
C ILE B 33 31.40 -13.34 36.28
N GLU B 34 31.96 -12.18 36.60
CA GLU B 34 32.86 -12.07 37.79
CA GLU B 34 32.87 -12.08 37.78
C GLU B 34 32.10 -12.49 39.05
N ARG B 35 30.83 -12.08 39.17
CA ARG B 35 30.07 -12.37 40.40
C ARG B 35 29.78 -13.88 40.47
N LEU B 36 29.43 -14.51 39.35
CA LEU B 36 29.10 -15.97 39.35
C LEU B 36 30.39 -16.79 39.58
N GLN B 37 31.50 -16.41 38.94
CA GLN B 37 32.81 -17.13 39.10
C GLN B 37 33.22 -17.09 40.58
N ALA B 38 33.00 -15.98 41.28
CA ALA B 38 33.36 -15.80 42.70
C ALA B 38 32.60 -16.80 43.58
N ILE B 39 31.43 -17.32 43.18
CA ILE B 39 30.66 -18.25 44.03
C ILE B 39 30.69 -19.67 43.44
N GLY B 40 31.65 -19.93 42.56
CA GLY B 40 31.96 -21.29 42.11
C GLY B 40 31.22 -21.69 40.86
N PHE B 41 30.61 -20.77 40.10
CA PHE B 41 30.06 -21.12 38.76
C PHE B 41 31.19 -21.37 37.78
N THR B 42 30.97 -22.30 36.86
CA THR B 42 31.76 -22.42 35.61
C THR B 42 31.04 -21.62 34.55
N VAL B 43 31.78 -20.83 33.79
CA VAL B 43 31.19 -19.94 32.76
C VAL B 43 31.69 -20.38 31.41
N GLU B 44 30.79 -20.48 30.46
CA GLU B 44 31.12 -20.76 29.05
C GLU B 44 30.55 -19.65 28.21
N ARG B 45 31.41 -18.72 27.76
CA ARG B 45 30.98 -17.63 26.87
C ARG B 45 30.66 -18.25 25.52
N MET B 46 29.58 -17.82 24.89
CA MET B 46 29.18 -18.28 23.54
C MET B 46 28.81 -17.07 22.70
N ASP B 47 29.78 -16.57 21.93
CA ASP B 47 29.61 -15.30 21.19
C ASP B 47 29.40 -15.66 19.72
N PHE B 48 28.42 -15.02 19.10
CA PHE B 48 28.08 -15.26 17.69
C PHE B 48 27.98 -13.89 17.07
N ALA B 49 28.97 -13.59 16.22
CA ALA B 49 29.07 -12.34 15.48
C ALA B 49 29.04 -11.18 16.45
N ASP B 50 27.99 -10.38 16.37
CA ASP B 50 27.88 -9.07 17.06
CA ASP B 50 27.81 -9.05 17.04
C ASP B 50 27.33 -9.28 18.48
N THR B 51 26.95 -10.51 18.81
CA THR B 51 26.17 -10.79 20.03
C THR B 51 27.02 -11.56 21.02
N GLN B 52 26.93 -11.19 22.29
CA GLN B 52 27.58 -11.93 23.39
C GLN B 52 26.54 -12.69 24.22
N ASN B 53 26.86 -13.92 24.56
CA ASN B 53 26.02 -14.79 25.43
C ASN B 53 26.92 -15.55 26.39
N PHE B 54 26.36 -16.03 27.49
CA PHE B 54 27.07 -17.03 28.30
C PHE B 54 26.08 -18.01 28.88
N TRP B 55 26.63 -19.21 29.08
CA TRP B 55 26.03 -20.32 29.82
C TRP B 55 26.90 -20.53 31.04
N ALA B 56 26.30 -20.44 32.22
CA ALA B 56 27.04 -20.62 33.48
C ALA B 56 26.29 -21.60 34.35
N TRP B 57 27.02 -22.42 35.10
CA TRP B 57 26.40 -23.51 35.90
CA TRP B 57 26.38 -23.48 35.92
C TRP B 57 27.21 -23.77 37.17
N ARG B 58 26.53 -24.24 38.20
CA ARG B 58 27.11 -24.72 39.48
C ARG B 58 26.28 -25.93 39.91
N GLY B 59 26.96 -27.00 40.30
CA GLY B 59 26.32 -28.27 40.68
C GLY B 59 26.02 -29.12 39.47
N GLN B 60 25.24 -30.19 39.70
CA GLN B 60 25.13 -31.31 38.73
C GLN B 60 23.76 -31.99 38.87
N GLY B 61 23.17 -32.38 37.75
CA GLY B 61 21.91 -33.15 37.73
C GLY B 61 20.70 -32.31 37.34
N GLU B 62 19.63 -32.41 38.11
CA GLU B 62 18.34 -31.70 37.83
C GLU B 62 18.65 -30.19 37.75
N THR B 63 18.33 -29.56 36.64
CA THR B 63 18.86 -28.23 36.29
C THR B 63 17.74 -27.19 36.26
N LEU B 64 17.91 -26.12 37.02
CA LEU B 64 17.14 -24.85 36.95
C LEU B 64 18.03 -23.76 36.35
N ALA B 65 17.60 -23.24 35.20
CA ALA B 65 18.29 -22.10 34.56
C ALA B 65 17.47 -20.83 34.76
N PHE B 66 18.17 -19.74 35.01
CA PHE B 66 17.62 -18.37 34.93
C PHE B 66 18.06 -17.81 33.58
N ALA B 67 17.11 -17.25 32.85
CA ALA B 67 17.37 -16.63 31.54
C ALA B 67 17.04 -15.14 31.57
N GLY B 68 17.85 -14.38 30.86
CA GLY B 68 17.59 -12.95 30.65
C GLY B 68 18.54 -12.34 29.66
N HIS B 69 18.39 -11.03 29.47
CA HIS B 69 19.18 -10.30 28.47
C HIS B 69 19.73 -9.01 29.06
N THR B 70 20.96 -8.68 28.67
CA THR B 70 21.68 -7.46 29.09
C THR B 70 21.31 -6.28 28.19
N ASP B 71 20.78 -6.53 26.99
CA ASP B 71 20.49 -5.43 26.04
C ASP B 71 19.23 -4.70 26.47
N VAL B 72 19.18 -3.43 26.07
CA VAL B 72 18.01 -2.53 26.26
C VAL B 72 17.67 -1.89 24.91
N VAL B 73 16.44 -1.42 24.80
CA VAL B 73 15.95 -0.71 23.58
C VAL B 73 16.44 0.72 23.68
N PRO B 74 16.56 1.43 22.54
CA PRO B 74 17.03 2.82 22.54
C PRO B 74 16.26 3.69 23.53
N PRO B 75 16.93 4.67 24.14
CA PRO B 75 16.28 5.55 25.11
C PRO B 75 15.29 6.49 24.43
N GLY B 76 15.54 6.79 23.15
CA GLY B 76 14.87 7.86 22.39
C GLY B 76 15.33 9.23 22.85
N ASP B 77 14.39 10.17 22.95
CA ASP B 77 14.62 11.63 23.06
C ASP B 77 15.14 12.00 24.45
N ALA B 78 16.46 12.10 24.63
CA ALA B 78 17.15 12.37 25.91
C ALA B 78 16.56 13.62 26.61
N ASP B 79 16.02 14.58 25.84
CA ASP B 79 15.36 15.80 26.37
C ASP B 79 14.07 15.46 27.13
N ARG B 80 13.36 14.38 26.76
CA ARG B 80 12.09 14.03 27.43
C ARG B 80 12.34 13.24 28.72
N TRP B 81 13.59 12.84 28.99
CA TRP B 81 13.95 12.09 30.23
C TRP B 81 14.19 13.09 31.35
N ILE B 82 13.68 12.83 32.55
CA ILE B 82 13.88 13.68 33.75
C ILE B 82 15.37 13.61 34.18
N ASN B 83 15.93 12.41 34.25
CA ASN B 83 17.38 12.20 34.42
C ASN B 83 17.88 11.43 33.20
N PRO B 84 19.14 11.61 32.77
CA PRO B 84 19.61 10.89 31.59
C PRO B 84 19.32 9.39 31.71
N PRO B 85 18.97 8.72 30.59
CA PRO B 85 18.56 7.32 30.65
C PRO B 85 19.64 6.35 31.16
N PHE B 86 20.92 6.72 31.12
CA PHE B 86 22.03 5.85 31.58
C PHE B 86 22.60 6.40 32.86
N GLU B 87 21.85 7.28 33.53
CA GLU B 87 22.25 7.88 34.83
C GLU B 87 21.23 7.43 35.86
N PRO B 88 21.42 6.24 36.46
CA PRO B 88 20.42 5.69 37.36
C PRO B 88 20.25 6.64 38.55
N THR B 89 18.99 6.87 38.93
CA THR B 89 18.57 7.84 39.98
C THR B 89 17.47 7.18 40.81
N ILE B 90 17.51 7.30 42.12
CA ILE B 90 16.37 6.86 42.98
C ILE B 90 15.56 8.11 43.34
N ARG B 91 14.27 8.12 43.01
CA ARG B 91 13.29 9.18 43.40
C ARG B 91 12.01 8.49 43.90
N ASP B 92 11.61 8.78 45.14
CA ASP B 92 10.33 8.28 45.72
CA ASP B 92 10.38 8.26 45.81
C ASP B 92 10.31 6.73 45.67
N GLY B 93 11.39 6.07 46.09
CA GLY B 93 11.49 4.59 46.14
C GLY B 93 11.53 3.94 44.76
N MET B 94 11.71 4.72 43.70
CA MET B 94 11.76 4.24 42.31
C MET B 94 13.17 4.48 41.74
N LEU B 95 13.74 3.45 41.09
CA LEU B 95 15.05 3.51 40.39
C LEU B 95 14.77 3.78 38.91
N PHE B 96 15.16 4.95 38.42
CA PHE B 96 14.92 5.40 37.03
C PHE B 96 16.16 5.09 36.16
N GLY B 97 15.91 4.66 34.93
CA GLY B 97 16.96 4.39 33.93
C GLY B 97 16.51 3.35 32.95
N ARG B 98 17.02 3.44 31.73
CA ARG B 98 16.80 2.44 30.66
C ARG B 98 17.26 1.07 31.20
N GLY B 99 16.40 0.07 31.11
CA GLY B 99 16.71 -1.29 31.59
C GLY B 99 16.33 -1.52 33.05
N ALA B 100 15.86 -0.51 33.80
CA ALA B 100 15.55 -0.68 35.24
C ALA B 100 14.52 -1.80 35.41
N ALA B 101 13.54 -1.83 34.51
CA ALA B 101 12.40 -2.77 34.52
C ALA B 101 12.65 -3.90 33.51
N ASP B 102 13.21 -3.58 32.33
CA ASP B 102 13.45 -4.57 31.26
C ASP B 102 14.91 -4.60 30.79
N MET B 103 15.79 -5.41 31.40
CA MET B 103 15.49 -6.23 32.58
C MET B 103 16.71 -6.36 33.50
N LYS B 104 17.41 -5.25 33.72
CA LYS B 104 18.67 -5.21 34.48
C LYS B 104 18.37 -5.38 35.97
N GLY B 105 17.21 -4.93 36.46
CA GLY B 105 16.77 -5.23 37.83
C GLY B 105 16.68 -6.73 38.06
N SER B 106 16.01 -7.44 37.16
CA SER B 106 15.88 -8.92 37.24
C SER B 106 17.26 -9.56 37.24
N LEU B 107 18.14 -9.11 36.36
CA LEU B 107 19.51 -9.68 36.26
C LEU B 107 20.18 -9.54 37.63
N ALA B 108 20.17 -8.35 38.22
CA ALA B 108 20.78 -8.09 39.54
C ALA B 108 20.15 -9.02 40.58
N ALA B 109 18.80 -9.09 40.60
CA ALA B 109 18.04 -9.90 41.57
C ALA B 109 18.45 -11.36 41.46
N MET B 110 18.61 -11.88 40.25
CA MET B 110 18.88 -13.32 40.06
C MET B 110 20.36 -13.62 40.41
N VAL B 111 21.28 -12.69 40.22
CA VAL B 111 22.71 -12.90 40.56
C VAL B 111 22.84 -12.85 42.10
N VAL B 112 22.22 -11.87 42.73
CA VAL B 112 22.27 -11.77 44.22
C VAL B 112 21.54 -12.98 44.82
N ALA B 113 20.40 -13.39 44.26
CA ALA B 113 19.68 -14.58 44.75
C ALA B 113 20.62 -15.79 44.71
N ALA B 114 21.38 -15.96 43.63
CA ALA B 114 22.36 -17.06 43.51
C ALA B 114 23.43 -16.99 44.61
N GLU B 115 23.99 -15.80 44.87
CA GLU B 115 25.01 -15.59 45.93
C GLU B 115 24.44 -16.03 47.28
N ARG B 116 23.19 -15.68 47.56
CA ARG B 116 22.52 -15.99 48.86
C ARG B 116 22.24 -17.50 48.92
N PHE B 117 21.74 -18.04 47.81
CA PHE B 117 21.38 -19.46 47.71
C PHE B 117 22.65 -20.28 47.95
N VAL B 118 23.76 -19.93 47.29
CA VAL B 118 24.99 -20.75 47.38
C VAL B 118 25.55 -20.65 48.82
N ALA B 119 25.44 -19.48 49.44
CA ALA B 119 25.84 -19.25 50.85
C ALA B 119 25.03 -20.17 51.75
N GLN B 120 23.73 -20.32 51.50
CA GLN B 120 22.83 -21.14 52.34
C GLN B 120 22.99 -22.62 51.99
N HIS B 121 23.28 -22.98 50.74
CA HIS B 121 23.28 -24.40 50.27
C HIS B 121 24.54 -24.67 49.46
N PRO B 122 25.75 -24.59 50.05
CA PRO B 122 26.99 -24.70 49.30
C PRO B 122 27.16 -26.03 48.54
N ASN B 123 26.53 -27.11 49.00
CA ASN B 123 26.66 -28.46 48.41
C ASN B 123 25.25 -28.83 47.89
N HIS B 124 24.52 -27.85 47.32
CA HIS B 124 23.15 -28.06 46.77
C HIS B 124 23.14 -29.29 45.86
N THR B 125 22.03 -30.03 45.86
CA THR B 125 21.98 -31.35 45.20
C THR B 125 21.67 -31.18 43.70
N GLY B 126 21.06 -30.07 43.28
CA GLY B 126 20.78 -29.81 41.85
C GLY B 126 21.81 -28.90 41.17
N ARG B 127 21.58 -28.59 39.90
CA ARG B 127 22.41 -27.65 39.13
C ARG B 127 21.62 -26.34 38.97
N LEU B 128 22.25 -25.22 39.29
CA LEU B 128 21.73 -23.87 39.02
C LEU B 128 22.52 -23.29 37.85
N ALA B 129 21.83 -22.74 36.87
CA ALA B 129 22.45 -22.24 35.63
C ALA B 129 21.91 -20.87 35.28
N PHE B 130 22.68 -20.15 34.46
CA PHE B 130 22.28 -18.85 33.86
C PHE B 130 22.53 -18.93 32.37
N LEU B 131 21.58 -18.43 31.60
CA LEU B 131 21.66 -18.35 30.11
C LEU B 131 21.33 -16.91 29.76
N ILE B 132 22.37 -16.11 29.51
CA ILE B 132 22.26 -14.64 29.34
C ILE B 132 22.67 -14.29 27.90
N THR B 133 21.94 -13.38 27.29
CA THR B 133 22.18 -12.89 25.91
C THR B 133 22.28 -11.36 25.92
N SER B 134 22.97 -10.82 24.92
CA SER B 134 23.05 -9.36 24.67
C SER B 134 22.15 -9.00 23.49
N ASP B 135 21.32 -9.93 23.01
CA ASP B 135 20.27 -9.51 22.02
C ASP B 135 18.99 -10.34 22.11
N GLU B 136 18.08 -9.88 22.96
CA GLU B 136 16.70 -10.37 23.01
C GLU B 136 15.79 -9.38 22.29
N GLU B 137 16.12 -8.08 22.30
CA GLU B 137 15.17 -7.02 21.91
C GLU B 137 15.19 -6.74 20.39
N ALA B 138 16.26 -7.04 19.66
CA ALA B 138 16.36 -6.66 18.23
C ALA B 138 16.16 -7.90 17.36
N SER B 139 17.06 -8.22 16.43
CA SER B 139 16.99 -9.38 15.51
C SER B 139 16.99 -10.67 16.32
N ALA B 140 17.84 -10.74 17.34
CA ALA B 140 17.99 -11.93 18.19
C ALA B 140 18.41 -13.15 17.35
N HIS B 141 19.03 -12.97 16.18
CA HIS B 141 19.54 -14.09 15.37
C HIS B 141 20.72 -14.80 16.05
N ASN B 142 21.52 -14.08 16.85
CA ASN B 142 22.80 -14.62 17.39
C ASN B 142 22.76 -14.66 18.92
N GLY B 143 21.56 -14.62 19.50
CA GLY B 143 21.39 -14.64 20.97
C GLY B 143 21.05 -16.01 21.51
N THR B 144 20.07 -16.07 22.42
CA THR B 144 19.60 -17.29 23.08
C THR B 144 19.40 -18.43 22.06
N VAL B 145 18.87 -18.16 20.87
CA VAL B 145 18.55 -19.25 19.90
C VAL B 145 19.81 -20.05 19.63
N LYS B 146 20.95 -19.39 19.46
CA LYS B 146 22.22 -20.08 19.08
C LYS B 146 22.79 -20.81 20.29
N VAL B 147 22.64 -20.25 21.48
CA VAL B 147 23.04 -20.96 22.73
C VAL B 147 22.24 -22.25 22.84
N VAL B 148 20.91 -22.17 22.68
CA VAL B 148 20.02 -23.35 22.81
C VAL B 148 20.45 -24.40 21.77
N GLU B 149 20.67 -24.01 20.51
CA GLU B 149 21.17 -24.93 19.44
C GLU B 149 22.41 -25.67 19.90
N ALA B 150 23.41 -24.95 20.45
CA ALA B 150 24.65 -25.56 21.01
C ALA B 150 24.32 -26.50 22.18
N LEU B 151 23.46 -26.10 23.11
CA LEU B 151 23.14 -26.97 24.27
C LEU B 151 22.41 -28.23 23.78
N MET B 152 21.46 -28.10 22.88
CA MET B 152 20.69 -29.27 22.35
C MET B 152 21.65 -30.19 21.57
N ALA B 153 22.56 -29.62 20.79
CA ALA B 153 23.56 -30.40 20.01
C ALA B 153 24.36 -31.30 20.96
N ARG B 154 24.58 -30.90 22.20
CA ARG B 154 25.37 -31.74 23.13
C ARG B 154 24.49 -32.36 24.20
N ASN B 155 23.17 -32.43 23.97
CA ASN B 155 22.20 -33.09 24.90
C ASN B 155 22.39 -32.52 26.30
N GLU B 156 22.46 -31.20 26.42
CA GLU B 156 22.56 -30.53 27.75
C GLU B 156 21.26 -30.79 28.51
N ARG B 157 21.36 -31.04 29.81
CA ARG B 157 20.15 -31.16 30.65
C ARG B 157 19.66 -29.76 31.07
N LEU B 158 18.37 -29.51 30.92
CA LEU B 158 17.73 -28.24 31.37
C LEU B 158 16.25 -28.54 31.63
N ASP B 159 15.90 -28.68 32.89
CA ASP B 159 14.58 -29.20 33.33
C ASP B 159 13.64 -28.01 33.49
N TYR B 160 14.14 -26.91 34.04
CA TYR B 160 13.31 -25.76 34.48
C TYR B 160 14.03 -24.49 34.08
N CYS B 161 13.26 -23.52 33.60
CA CYS B 161 13.80 -22.20 33.24
C CYS B 161 12.86 -21.12 33.74
N LEU B 162 13.43 -20.23 34.54
CA LEU B 162 12.78 -19.00 35.01
C LEU B 162 13.33 -17.86 34.17
N VAL B 163 12.47 -17.26 33.37
CA VAL B 163 12.84 -16.10 32.52
C VAL B 163 12.50 -14.83 33.28
N GLY B 164 13.48 -13.98 33.53
CA GLY B 164 13.26 -12.80 34.40
C GLY B 164 12.62 -11.62 33.68
N GLU B 165 11.94 -11.81 32.54
CA GLU B 165 11.23 -10.71 31.84
C GLU B 165 10.19 -10.12 32.79
N PRO B 166 10.01 -8.79 32.79
CA PRO B 166 9.06 -8.15 33.71
C PRO B 166 7.63 -8.61 33.39
N SER B 167 7.07 -9.44 34.27
CA SER B 167 5.77 -10.12 34.09
C SER B 167 4.64 -9.33 34.76
N SER B 168 4.94 -8.44 35.70
CA SER B 168 3.94 -7.96 36.69
C SER B 168 3.19 -6.71 36.18
N ILE B 169 1.96 -6.51 36.67
CA ILE B 169 1.07 -5.39 36.26
C ILE B 169 1.23 -4.22 37.24
N GLU B 170 0.97 -4.43 38.53
CA GLU B 170 0.93 -3.37 39.57
CA GLU B 170 0.95 -3.33 39.55
C GLU B 170 1.91 -3.68 40.69
N VAL B 171 1.97 -4.94 41.11
CA VAL B 171 2.84 -5.40 42.23
C VAL B 171 3.60 -6.65 41.77
N VAL B 172 4.87 -6.75 42.15
CA VAL B 172 5.78 -7.83 41.69
C VAL B 172 5.14 -9.17 42.05
N GLY B 173 4.88 -10.01 41.06
CA GLY B 173 4.41 -11.39 41.27
C GLY B 173 2.89 -11.48 41.11
N ASP B 174 2.19 -10.38 40.81
CA ASP B 174 0.72 -10.43 40.59
C ASP B 174 0.41 -11.22 39.32
N VAL B 175 1.34 -11.22 38.36
CA VAL B 175 1.24 -12.01 37.11
C VAL B 175 2.57 -12.71 36.87
N VAL B 176 2.48 -13.98 36.50
CA VAL B 176 3.58 -14.83 35.97
CA VAL B 176 3.63 -14.72 35.90
C VAL B 176 3.15 -15.27 34.55
N LYS B 177 4.09 -15.34 33.59
CA LYS B 177 3.74 -15.81 32.24
C LYS B 177 4.13 -17.27 32.19
N ASN B 178 3.19 -18.17 31.90
CA ASN B 178 3.52 -19.62 31.86
C ASN B 178 3.37 -20.11 30.43
N GLY B 179 3.30 -19.20 29.49
CA GLY B 179 3.31 -19.60 28.07
C GLY B 179 3.24 -18.40 27.16
N ARG B 180 3.48 -18.62 25.87
CA ARG B 180 3.33 -17.55 24.86
C ARG B 180 2.76 -18.13 23.57
N ARG B 181 2.13 -17.28 22.79
CA ARG B 181 1.52 -17.69 21.51
CA ARG B 181 1.52 -17.69 21.51
C ARG B 181 2.63 -17.85 20.46
N GLY B 182 2.43 -18.71 19.48
CA GLY B 182 3.29 -18.74 18.30
C GLY B 182 3.00 -17.53 17.43
N SER B 183 3.90 -17.22 16.50
CA SER B 183 3.70 -16.16 15.49
C SER B 183 4.10 -16.71 14.14
N LEU B 184 3.15 -16.65 13.21
CA LEU B 184 3.32 -17.14 11.83
C LEU B 184 2.82 -16.08 10.86
N THR B 185 3.63 -15.74 9.87
CA THR B 185 3.30 -14.67 8.90
C THR B 185 3.26 -15.28 7.50
N CYS B 186 2.25 -14.92 6.74
CA CYS B 186 2.11 -15.27 5.31
C CYS B 186 2.33 -14.00 4.48
N ASN B 187 3.36 -13.97 3.64
CA ASN B 187 3.59 -12.94 2.60
C ASN B 187 2.99 -13.50 1.33
N LEU B 188 1.80 -13.05 0.96
CA LEU B 188 1.04 -13.64 -0.15
C LEU B 188 1.09 -12.69 -1.33
N THR B 189 1.44 -13.18 -2.50
CA THR B 189 1.22 -12.46 -3.75
C THR B 189 0.13 -13.16 -4.55
N ILE B 190 -0.91 -12.44 -4.92
CA ILE B 190 -1.91 -12.88 -5.93
C ILE B 190 -1.53 -12.27 -7.29
N HIS B 191 -1.28 -13.14 -8.29
CA HIS B 191 -0.82 -12.75 -9.63
C HIS B 191 -2.00 -12.44 -10.52
N GLY B 192 -1.94 -11.33 -11.25
CA GLY B 192 -2.92 -11.05 -12.29
C GLY B 192 -2.23 -10.63 -13.55
N VAL B 193 -2.91 -9.79 -14.34
CA VAL B 193 -2.31 -9.26 -15.60
C VAL B 193 -2.56 -7.76 -15.60
N GLN B 194 -1.51 -6.99 -15.57
CA GLN B 194 -1.60 -5.51 -15.47
C GLN B 194 -2.18 -4.99 -16.77
N GLY B 195 -2.95 -3.93 -16.74
CA GLY B 195 -3.43 -3.34 -18.01
C GLY B 195 -3.96 -1.95 -17.74
N HIS B 196 -4.92 -1.52 -18.54
CA HIS B 196 -5.48 -0.15 -18.57
C HIS B 196 -7.00 -0.25 -18.45
N VAL B 197 -7.59 0.66 -17.68
CA VAL B 197 -9.04 0.62 -17.39
C VAL B 197 -9.82 0.81 -18.69
N ALA B 198 -9.28 1.44 -19.73
CA ALA B 198 -10.01 1.56 -21.01
C ALA B 198 -10.19 0.20 -21.70
N TYR B 199 -9.40 -0.81 -21.34
CA TYR B 199 -9.35 -2.10 -22.07
C TYR B 199 -9.30 -3.22 -21.03
N PRO B 200 -10.35 -3.31 -20.19
CA PRO B 200 -10.30 -4.20 -19.04
C PRO B 200 -10.27 -5.67 -19.46
N HIS B 201 -10.72 -6.06 -20.66
CA HIS B 201 -10.73 -7.50 -21.05
C HIS B 201 -9.32 -8.00 -21.35
N LEU B 202 -8.35 -7.11 -21.48
CA LEU B 202 -6.94 -7.50 -21.72
C LEU B 202 -6.20 -7.65 -20.39
N ALA B 203 -6.88 -7.38 -19.28
CA ALA B 203 -6.22 -7.39 -17.95
C ALA B 203 -6.87 -8.45 -17.06
N ASP B 204 -6.28 -8.68 -15.90
CA ASP B 204 -6.89 -9.60 -14.92
C ASP B 204 -6.54 -9.04 -13.54
N ASN B 205 -7.51 -8.38 -12.92
CA ASN B 205 -7.29 -7.57 -11.72
C ASN B 205 -7.18 -8.54 -10.56
N PRO B 206 -5.99 -8.68 -9.91
CA PRO B 206 -5.86 -9.61 -8.80
C PRO B 206 -6.61 -9.17 -7.54
N VAL B 207 -6.88 -7.89 -7.39
CA VAL B 207 -7.71 -7.38 -6.24
C VAL B 207 -9.12 -7.97 -6.39
N HIS B 208 -9.67 -7.94 -7.58
CA HIS B 208 -11.03 -8.47 -7.85
C HIS B 208 -11.01 -9.99 -7.61
N ARG B 209 -9.99 -10.69 -8.11
CA ARG B 209 -9.93 -12.16 -7.95
C ARG B 209 -9.78 -12.51 -6.47
N ALA B 210 -9.01 -11.74 -5.73
CA ALA B 210 -8.71 -12.03 -4.32
C ALA B 210 -9.88 -11.68 -3.39
N ALA B 211 -10.80 -10.81 -3.78
CA ALA B 211 -11.83 -10.30 -2.85
C ALA B 211 -12.60 -11.45 -2.19
N PRO B 212 -13.13 -12.45 -2.93
CA PRO B 212 -13.84 -13.57 -2.28
C PRO B 212 -12.96 -14.34 -1.31
N PHE B 213 -11.70 -14.55 -1.70
CA PHE B 213 -10.71 -15.23 -0.84
C PHE B 213 -10.52 -14.45 0.47
N LEU B 214 -10.29 -13.14 0.38
CA LEU B 214 -10.07 -12.30 1.60
C LEU B 214 -11.32 -12.33 2.49
N ASN B 215 -12.48 -12.24 1.86
CA ASN B 215 -13.78 -12.27 2.57
C ASN B 215 -13.89 -13.57 3.38
N GLU B 216 -13.54 -14.70 2.76
CA GLU B 216 -13.60 -16.02 3.46
CA GLU B 216 -13.60 -16.01 3.46
C GLU B 216 -12.47 -16.10 4.50
N LEU B 217 -11.26 -15.65 4.17
CA LEU B 217 -10.10 -15.74 5.09
C LEU B 217 -10.43 -15.05 6.40
N VAL B 218 -10.96 -13.82 6.34
CA VAL B 218 -11.21 -13.01 7.55
CA VAL B 218 -11.26 -12.97 7.52
C VAL B 218 -12.38 -13.58 8.36
N ALA B 219 -13.26 -14.38 7.76
CA ALA B 219 -14.39 -15.03 8.49
C ALA B 219 -14.00 -16.36 9.14
N ILE B 220 -12.89 -17.00 8.81
CA ILE B 220 -12.48 -18.32 9.42
CA ILE B 220 -12.47 -18.31 9.42
C ILE B 220 -12.30 -18.16 10.94
N GLU B 221 -12.78 -19.15 11.69
CA GLU B 221 -12.52 -19.27 13.16
CA GLU B 221 -12.59 -19.35 13.16
C GLU B 221 -11.45 -20.36 13.33
N TRP B 222 -10.31 -19.99 13.91
CA TRP B 222 -9.10 -20.86 13.88
C TRP B 222 -9.12 -21.87 15.04
N ASP B 223 -9.35 -21.42 16.27
CA ASP B 223 -9.57 -22.28 17.46
C ASP B 223 -10.38 -21.44 18.44
N GLN B 224 -10.67 -21.92 19.63
CA GLN B 224 -11.34 -21.17 20.72
CA GLN B 224 -11.29 -21.06 20.68
C GLN B 224 -10.37 -21.05 21.90
N GLY B 225 -9.07 -21.23 21.64
CA GLY B 225 -8.02 -21.19 22.67
C GLY B 225 -8.26 -22.24 23.75
N ASN B 226 -7.82 -22.00 24.97
CA ASN B 226 -7.88 -23.04 26.03
C ASN B 226 -7.95 -22.33 27.37
N GLU B 227 -7.60 -23.03 28.46
CA GLU B 227 -7.63 -22.45 29.82
C GLU B 227 -6.65 -21.25 29.87
N PHE B 228 -5.49 -21.33 29.20
CA PHE B 228 -4.40 -20.33 29.34
C PHE B 228 -4.28 -19.39 28.14
N PHE B 229 -4.84 -19.74 26.97
CA PHE B 229 -4.73 -18.94 25.71
C PHE B 229 -6.08 -18.42 25.20
N PRO B 230 -6.11 -17.19 24.65
CA PRO B 230 -7.28 -16.72 23.91
C PRO B 230 -7.34 -17.42 22.55
N ALA B 231 -8.43 -17.26 21.79
CA ALA B 231 -8.57 -17.81 20.43
C ALA B 231 -7.38 -17.33 19.57
N THR B 232 -6.90 -18.23 18.72
CA THR B 232 -5.92 -17.93 17.65
C THR B 232 -6.47 -16.74 16.86
N SER B 233 -5.61 -15.78 16.61
CA SER B 233 -5.93 -14.47 16.03
C SER B 233 -5.24 -14.35 14.68
N MET B 234 -5.99 -14.05 13.64
CA MET B 234 -5.46 -13.77 12.27
CA MET B 234 -5.39 -13.74 12.31
C MET B 234 -5.65 -12.27 11.98
N GLN B 235 -4.61 -11.53 11.65
CA GLN B 235 -4.74 -10.11 11.25
C GLN B 235 -4.01 -9.86 9.93
N ILE B 236 -4.68 -9.20 9.00
CA ILE B 236 -4.05 -8.65 7.79
C ILE B 236 -3.34 -7.35 8.18
N ALA B 237 -2.02 -7.37 8.16
CA ALA B 237 -1.15 -6.26 8.62
C ALA B 237 -0.93 -5.31 7.46
N ASN B 238 -0.88 -5.83 6.23
CA ASN B 238 -0.54 -5.01 5.04
C ASN B 238 -1.28 -5.52 3.81
N ILE B 239 -1.64 -4.62 2.94
CA ILE B 239 -2.18 -4.95 1.61
C ILE B 239 -1.81 -3.83 0.68
N GLN B 240 -1.38 -4.19 -0.53
CA GLN B 240 -0.91 -3.20 -1.52
C GLN B 240 -1.18 -3.73 -2.91
N ALA B 241 -1.71 -2.87 -3.76
CA ALA B 241 -1.69 -3.11 -5.21
C ALA B 241 -1.85 -1.76 -5.89
N GLY B 242 -1.31 -1.68 -7.11
CA GLY B 242 -1.50 -0.57 -8.04
C GLY B 242 -0.25 0.26 -8.17
N THR B 243 -0.28 1.17 -9.10
CA THR B 243 0.84 2.04 -9.49
C THR B 243 0.65 3.44 -8.94
N GLY B 244 -0.50 3.72 -8.32
CA GLY B 244 -0.89 5.08 -7.91
C GLY B 244 -1.76 5.79 -8.93
N SER B 245 -1.83 5.30 -10.17
CA SER B 245 -2.68 5.89 -11.24
C SER B 245 -4.09 5.26 -11.21
N ASN B 246 -5.12 6.09 -11.40
CA ASN B 246 -6.53 5.64 -11.46
C ASN B 246 -6.86 5.05 -12.83
N ASN B 247 -5.92 4.95 -13.78
CA ASN B 247 -6.21 4.37 -15.11
C ASN B 247 -5.48 3.03 -15.32
N VAL B 248 -4.83 2.50 -14.30
CA VAL B 248 -4.06 1.23 -14.41
C VAL B 248 -4.80 0.14 -13.63
N ILE B 249 -4.95 -1.01 -14.28
CA ILE B 249 -5.38 -2.28 -13.63
C ILE B 249 -4.13 -2.97 -13.12
N PRO B 250 -4.02 -3.18 -11.79
CA PRO B 250 -2.80 -3.74 -11.24
C PRO B 250 -2.58 -5.18 -11.72
N GLY B 251 -1.31 -5.60 -11.72
CA GLY B 251 -0.86 -6.96 -12.11
C GLY B 251 -0.56 -7.86 -10.93
N GLU B 252 -0.39 -7.31 -9.71
CA GLU B 252 0.07 -8.07 -8.54
C GLU B 252 -0.63 -7.47 -7.34
N LEU B 253 -1.07 -8.32 -6.42
CA LEU B 253 -1.60 -7.89 -5.12
C LEU B 253 -0.74 -8.54 -4.04
N PHE B 254 -0.31 -7.71 -3.10
CA PHE B 254 0.44 -8.15 -1.92
C PHE B 254 -0.51 -8.12 -0.74
N VAL B 255 -0.54 -9.22 0.00
CA VAL B 255 -1.27 -9.31 1.27
C VAL B 255 -0.33 -9.96 2.28
N GLN B 256 -0.24 -9.36 3.46
CA GLN B 256 0.53 -9.94 4.59
C GLN B 256 -0.42 -10.12 5.75
N PHE B 257 -0.52 -11.35 6.22
CA PHE B 257 -1.36 -11.65 7.40
C PHE B 257 -0.51 -12.44 8.40
N ASN B 258 -0.81 -12.17 9.65
CA ASN B 258 -0.08 -12.74 10.80
C ASN B 258 -1.04 -13.56 11.65
N PHE B 259 -0.54 -14.67 12.18
CA PHE B 259 -1.27 -15.50 13.14
C PHE B 259 -0.54 -15.47 14.48
N ARG B 260 -1.27 -15.14 15.54
CA ARG B 260 -0.83 -15.39 16.94
C ARG B 260 -1.62 -16.58 17.41
N PHE B 261 -0.99 -17.75 17.45
CA PHE B 261 -1.68 -19.04 17.62
C PHE B 261 -1.30 -19.73 18.93
N SER B 262 -2.26 -20.44 19.44
CA SER B 262 -2.20 -21.16 20.73
C SER B 262 -1.58 -22.53 20.51
N THR B 263 -1.28 -23.24 21.60
CA THR B 263 -0.76 -24.63 21.58
C THR B 263 -1.82 -25.57 20.99
N GLU B 264 -3.08 -25.14 20.83
CA GLU B 264 -4.20 -25.98 20.29
C GLU B 264 -4.08 -26.22 18.77
N LEU B 265 -3.29 -25.43 18.03
CA LEU B 265 -3.18 -25.47 16.54
C LEU B 265 -1.70 -25.54 16.16
N THR B 266 -1.34 -26.32 15.16
CA THR B 266 0.03 -26.32 14.60
C THR B 266 0.11 -25.31 13.44
N ASP B 267 1.31 -24.83 13.15
CA ASP B 267 1.56 -23.97 11.99
C ASP B 267 1.18 -24.76 10.71
N GLU B 268 1.44 -26.07 10.67
CA GLU B 268 1.09 -26.95 9.53
CA GLU B 268 1.12 -26.83 9.44
C GLU B 268 -0.40 -26.85 9.24
N MET B 269 -1.21 -26.88 10.30
CA MET B 269 -2.69 -26.89 10.10
C MET B 269 -3.10 -25.52 9.55
N ILE B 270 -2.51 -24.45 10.08
CA ILE B 270 -2.86 -23.07 9.61
C ILE B 270 -2.50 -22.97 8.12
N LYS B 271 -1.29 -23.35 7.75
CA LYS B 271 -0.85 -23.26 6.33
C LYS B 271 -1.77 -24.07 5.43
N ALA B 272 -2.11 -25.29 5.81
CA ALA B 272 -3.01 -26.14 5.02
C ALA B 272 -4.34 -25.43 4.78
N GLN B 273 -4.95 -24.86 5.82
CA GLN B 273 -6.27 -24.22 5.66
C GLN B 273 -6.13 -23.06 4.68
N VAL B 274 -5.03 -22.30 4.75
CA VAL B 274 -4.86 -21.14 3.84
C VAL B 274 -4.67 -21.66 2.42
N LEU B 275 -3.85 -22.68 2.20
CA LEU B 275 -3.62 -23.25 0.84
CA LEU B 275 -3.63 -23.26 0.84
C LEU B 275 -4.96 -23.81 0.32
N ALA B 276 -5.73 -24.49 1.16
CA ALA B 276 -7.06 -25.00 0.77
C ALA B 276 -7.94 -23.85 0.28
N LEU B 277 -7.92 -22.73 0.99
CA LEU B 277 -8.73 -21.56 0.58
C LEU B 277 -8.21 -20.99 -0.73
N LEU B 278 -6.90 -20.84 -0.88
CA LEU B 278 -6.32 -20.32 -2.16
C LEU B 278 -6.76 -21.19 -3.34
N GLU B 279 -6.67 -22.54 -3.18
CA GLU B 279 -6.98 -23.51 -4.24
CA GLU B 279 -6.98 -23.51 -4.25
C GLU B 279 -8.49 -23.49 -4.51
N LYS B 280 -9.29 -23.45 -3.46
CA LYS B 280 -10.77 -23.32 -3.59
C LYS B 280 -11.11 -22.10 -4.47
N HIS B 281 -10.42 -21.00 -4.30
CA HIS B 281 -10.71 -19.76 -5.03
C HIS B 281 -10.00 -19.70 -6.39
N GLN B 282 -9.31 -20.77 -6.81
CA GLN B 282 -8.73 -20.87 -8.16
C GLN B 282 -7.87 -19.62 -8.44
N LEU B 283 -6.97 -19.31 -7.54
CA LEU B 283 -6.07 -18.15 -7.66
C LEU B 283 -4.71 -18.61 -8.15
N ARG B 284 -4.03 -17.71 -8.84
CA ARG B 284 -2.57 -17.82 -9.13
CA ARG B 284 -2.58 -17.80 -9.14
C ARG B 284 -1.84 -17.05 -8.03
N TYR B 285 -0.93 -17.69 -7.34
CA TYR B 285 -0.34 -17.07 -6.13
C TYR B 285 1.08 -17.54 -5.94
N THR B 286 1.80 -16.80 -5.11
CA THR B 286 3.07 -17.22 -4.48
C THR B 286 2.95 -16.90 -3.00
N VAL B 287 3.26 -17.87 -2.13
CA VAL B 287 3.23 -17.69 -0.66
C VAL B 287 4.67 -17.76 -0.17
N ASP B 288 4.95 -16.94 0.83
CA ASP B 288 6.22 -17.02 1.59
C ASP B 288 5.81 -17.01 3.05
N TRP B 289 5.95 -18.15 3.72
CA TRP B 289 5.63 -18.29 5.16
C TRP B 289 6.87 -18.03 6.01
N TRP B 290 6.72 -17.39 7.16
CA TRP B 290 7.82 -17.25 8.16
CA TRP B 290 7.82 -17.31 8.16
C TRP B 290 7.23 -17.46 9.57
N LEU B 291 7.75 -18.45 10.27
CA LEU B 291 7.41 -18.77 11.66
C LEU B 291 8.44 -18.03 12.51
N SER B 292 8.01 -16.97 13.19
CA SER B 292 8.83 -16.19 14.15
CA SER B 292 8.88 -16.21 14.13
C SER B 292 8.97 -16.99 15.45
N GLY B 293 7.98 -17.80 15.78
CA GLY B 293 8.06 -18.63 16.99
C GLY B 293 6.92 -19.61 17.10
N GLN B 294 7.18 -20.73 17.76
CA GLN B 294 6.18 -21.74 18.16
C GLN B 294 5.57 -21.32 19.50
N PRO B 295 4.30 -21.66 19.75
CA PRO B 295 3.73 -21.48 21.07
C PRO B 295 4.42 -22.39 22.10
N PHE B 296 4.38 -22.02 23.36
CA PHE B 296 4.81 -22.91 24.46
C PHE B 296 3.87 -22.68 25.63
N LEU B 297 3.71 -23.71 26.45
CA LEU B 297 2.83 -23.67 27.62
C LEU B 297 3.40 -24.59 28.70
N THR B 298 3.57 -24.04 29.90
CA THR B 298 3.90 -24.81 31.13
C THR B 298 2.66 -24.72 32.01
N ALA B 299 1.72 -25.67 31.88
CA ALA B 299 0.39 -25.55 32.53
C ALA B 299 0.54 -25.91 34.01
N ARG B 300 1.47 -26.80 34.33
CA ARG B 300 1.61 -27.35 35.70
C ARG B 300 3.02 -27.92 35.85
N GLY B 301 3.36 -28.36 37.07
CA GLY B 301 4.61 -29.07 37.39
C GLY B 301 5.41 -28.37 38.49
N LYS B 302 6.62 -28.84 38.70
CA LYS B 302 7.43 -28.44 39.86
C LYS B 302 7.77 -26.96 39.72
N LEU B 303 8.04 -26.49 38.50
CA LEU B 303 8.48 -25.07 38.37
C LEU B 303 7.31 -24.16 38.69
N VAL B 304 6.14 -24.40 38.10
CA VAL B 304 4.93 -23.58 38.34
C VAL B 304 4.63 -23.58 39.85
N ASP B 305 4.62 -24.76 40.49
CA ASP B 305 4.41 -24.88 41.96
C ASP B 305 5.41 -24.01 42.73
N ALA B 306 6.72 -24.13 42.42
CA ALA B 306 7.78 -23.39 43.15
C ALA B 306 7.57 -21.87 42.96
N VAL B 307 7.24 -21.42 41.76
CA VAL B 307 7.05 -19.96 41.47
C VAL B 307 5.83 -19.46 42.24
N VAL B 308 4.70 -20.15 42.12
CA VAL B 308 3.44 -19.82 42.83
C VAL B 308 3.72 -19.82 44.34
N ASN B 309 4.41 -20.83 44.86
CA ASN B 309 4.69 -20.94 46.31
C ASN B 309 5.56 -19.75 46.74
N ALA B 310 6.59 -19.39 45.98
CA ALA B 310 7.53 -18.29 46.33
C ALA B 310 6.79 -16.96 46.34
N VAL B 311 5.95 -16.74 45.33
CA VAL B 311 5.23 -15.44 45.22
C VAL B 311 4.25 -15.35 46.40
N GLU B 312 3.54 -16.44 46.69
CA GLU B 312 2.52 -16.47 47.77
C GLU B 312 3.22 -16.25 49.10
N HIS B 313 4.36 -16.92 49.33
CA HIS B 313 5.16 -16.78 50.56
C HIS B 313 5.40 -15.30 50.84
N TYR B 314 5.68 -14.48 49.84
CA TYR B 314 6.16 -13.09 50.03
C TYR B 314 5.03 -12.09 49.77
N ASN B 315 3.91 -12.49 49.14
CA ASN B 315 2.77 -11.59 48.79
C ASN B 315 1.43 -12.09 49.33
N GLU B 316 1.36 -13.36 49.74
CA GLU B 316 0.11 -14.04 50.22
C GLU B 316 -1.03 -13.87 49.21
N ILE B 317 -0.72 -13.58 47.95
CA ILE B 317 -1.71 -13.65 46.83
C ILE B 317 -1.06 -14.44 45.70
N LYS B 318 -1.86 -15.31 45.06
CA LYS B 318 -1.36 -16.27 44.05
C LYS B 318 -1.28 -15.50 42.74
N PRO B 319 -0.16 -15.64 42.01
CA PRO B 319 -0.03 -14.96 40.73
C PRO B 319 -1.11 -15.44 39.77
N GLN B 320 -1.62 -14.58 38.90
CA GLN B 320 -2.32 -15.05 37.68
C GLN B 320 -1.29 -15.66 36.72
N LEU B 321 -1.61 -16.77 36.09
CA LEU B 321 -0.78 -17.43 35.06
C LEU B 321 -1.29 -17.04 33.68
N LEU B 322 -0.66 -16.06 33.03
CA LEU B 322 -1.10 -15.52 31.72
C LEU B 322 -0.10 -15.88 30.60
N THR B 323 -0.51 -15.62 29.35
CA THR B 323 0.25 -16.04 28.15
C THR B 323 0.31 -14.92 27.13
N THR B 324 0.01 -13.67 27.49
CA THR B 324 0.13 -12.54 26.53
C THR B 324 0.90 -11.38 27.15
N GLY B 325 1.46 -10.51 26.30
CA GLY B 325 2.07 -9.23 26.73
C GLY B 325 3.59 -9.31 26.90
N GLY B 326 4.33 -8.28 26.47
CA GLY B 326 5.81 -8.21 26.53
C GLY B 326 6.42 -9.23 25.57
N THR B 327 7.74 -9.41 25.60
CA THR B 327 8.42 -10.49 24.82
C THR B 327 9.41 -11.25 25.72
N SER B 328 9.82 -12.43 25.26
CA SER B 328 10.90 -13.23 25.91
C SER B 328 11.56 -14.21 24.94
N ASP B 329 12.69 -14.78 25.41
CA ASP B 329 13.45 -15.88 24.78
C ASP B 329 12.95 -17.25 25.28
N GLY B 330 11.87 -17.26 26.07
CA GLY B 330 11.27 -18.50 26.57
C GLY B 330 11.04 -19.52 25.49
N ARG B 331 10.58 -19.07 24.32
CA ARG B 331 10.20 -20.03 23.24
C ARG B 331 11.41 -20.86 22.81
N PHE B 332 12.63 -20.27 22.86
CA PHE B 332 13.85 -20.97 22.42
C PHE B 332 14.16 -22.04 23.45
N ILE B 333 14.07 -21.67 24.72
CA ILE B 333 14.45 -22.63 25.80
C ILE B 333 13.39 -23.72 25.87
N ALA B 334 12.13 -23.40 25.61
CA ALA B 334 11.04 -24.42 25.54
C ALA B 334 11.37 -25.50 24.51
N ARG B 335 12.16 -25.20 23.48
CA ARG B 335 12.57 -26.24 22.48
C ARG B 335 13.31 -27.36 23.19
N MET B 336 13.96 -27.11 24.33
CA MET B 336 14.74 -28.16 25.03
C MET B 336 13.80 -29.07 25.82
N GLY B 337 12.48 -28.81 25.82
CA GLY B 337 11.52 -29.60 26.62
C GLY B 337 11.45 -29.14 28.06
N ALA B 338 12.06 -28.00 28.37
CA ALA B 338 12.09 -27.45 29.75
C ALA B 338 10.70 -26.93 30.10
N GLN B 339 10.39 -26.94 31.39
CA GLN B 339 9.30 -26.13 31.96
C GLN B 339 9.79 -24.69 31.94
N VAL B 340 8.93 -23.76 31.51
CA VAL B 340 9.37 -22.36 31.31
C VAL B 340 8.31 -21.43 31.89
N VAL B 341 8.73 -20.54 32.78
CA VAL B 341 7.84 -19.55 33.40
C VAL B 341 8.61 -18.24 33.46
N GLU B 342 7.90 -17.12 33.41
CA GLU B 342 8.50 -15.77 33.46
C GLU B 342 7.98 -15.07 34.70
N LEU B 343 8.87 -14.58 35.54
CA LEU B 343 8.56 -13.79 36.74
C LEU B 343 9.55 -12.63 36.76
N GLY B 344 9.04 -11.42 36.84
CA GLY B 344 9.88 -10.22 36.89
C GLY B 344 9.08 -9.02 37.38
N PRO B 345 9.69 -7.82 37.37
CA PRO B 345 9.08 -6.63 37.93
C PRO B 345 7.86 -6.16 37.13
N VAL B 346 7.23 -5.09 37.63
CA VAL B 346 6.14 -4.35 36.93
C VAL B 346 6.67 -3.89 35.58
N ASN B 347 5.86 -4.07 34.54
CA ASN B 347 6.28 -3.84 33.14
C ASN B 347 5.65 -2.55 32.56
N ALA B 348 4.98 -1.71 33.35
CA ALA B 348 4.25 -0.50 32.87
C ALA B 348 5.17 0.40 32.04
N THR B 349 6.42 0.62 32.48
CA THR B 349 7.34 1.66 31.95
C THR B 349 8.32 1.06 30.93
N ILE B 350 8.25 -0.22 30.60
CA ILE B 350 9.27 -0.83 29.71
C ILE B 350 9.17 -0.14 28.34
N HIS B 351 10.30 0.11 27.69
CA HIS B 351 10.41 0.68 26.33
C HIS B 351 9.86 2.12 26.30
N LYS B 352 9.74 2.78 27.43
CA LYS B 352 9.22 4.17 27.51
C LYS B 352 10.29 5.11 28.08
N ILE B 353 10.06 6.40 27.90
CA ILE B 353 10.83 7.46 28.60
CA ILE B 353 10.81 7.48 28.61
C ILE B 353 10.62 7.28 30.11
N ASN B 354 11.65 7.54 30.89
CA ASN B 354 11.59 7.53 32.38
C ASN B 354 11.23 6.12 32.85
N GLU B 355 11.69 5.08 32.14
CA GLU B 355 11.57 3.67 32.62
C GLU B 355 12.05 3.66 34.06
N CYS B 356 11.31 3.00 34.94
CA CYS B 356 11.70 2.90 36.37
C CYS B 356 11.24 1.56 36.93
N VAL B 357 11.79 1.23 38.09
CA VAL B 357 11.36 0.03 38.86
C VAL B 357 11.40 0.39 40.33
N ASN B 358 10.42 -0.13 41.08
CA ASN B 358 10.31 0.06 42.54
C ASN B 358 11.47 -0.68 43.23
N ALA B 359 12.28 0.03 44.01
CA ALA B 359 13.53 -0.50 44.61
C ALA B 359 13.21 -1.65 45.57
N ALA B 360 12.17 -1.48 46.38
CA ALA B 360 11.72 -2.50 47.37
C ALA B 360 11.21 -3.74 46.62
N ASP B 361 10.53 -3.56 45.49
CA ASP B 361 10.09 -4.67 44.60
C ASP B 361 11.31 -5.46 44.08
N LEU B 362 12.43 -4.81 43.76
CA LEU B 362 13.63 -5.55 43.29
C LEU B 362 14.15 -6.42 44.43
N GLN B 363 14.16 -5.87 45.63
CA GLN B 363 14.66 -6.60 46.82
C GLN B 363 13.78 -7.82 47.02
N LEU B 364 12.46 -7.65 46.90
CA LEU B 364 11.46 -8.74 47.08
C LEU B 364 11.65 -9.78 45.96
N LEU B 365 11.83 -9.34 44.70
CA LEU B 365 12.03 -10.27 43.57
C LEU B 365 13.24 -11.16 43.84
N ALA B 366 14.35 -10.58 44.33
CA ALA B 366 15.56 -11.36 44.64
C ALA B 366 15.22 -12.45 45.65
N ARG B 367 14.38 -12.15 46.65
CA ARG B 367 13.99 -13.16 47.67
C ARG B 367 13.10 -14.24 47.03
N MET B 368 12.18 -13.85 46.16
CA MET B 368 11.34 -14.83 45.39
C MET B 368 12.26 -15.75 44.56
N TYR B 369 13.20 -15.17 43.80
CA TYR B 369 14.17 -15.96 43.00
C TYR B 369 14.94 -16.92 43.90
N GLN B 370 15.44 -16.43 45.02
CA GLN B 370 16.19 -17.29 45.96
C GLN B 370 15.29 -18.46 46.42
N ARG B 371 14.04 -18.21 46.80
CA ARG B 371 13.12 -19.28 47.24
CA ARG B 371 13.14 -19.31 47.26
C ARG B 371 12.89 -20.28 46.11
N ILE B 372 12.80 -19.81 44.88
CA ILE B 372 12.61 -20.74 43.73
C ILE B 372 13.84 -21.65 43.62
N MET B 373 15.03 -21.07 43.71
CA MET B 373 16.30 -21.85 43.67
C MET B 373 16.27 -22.87 44.82
N GLU B 374 15.89 -22.47 46.02
CA GLU B 374 15.94 -23.42 47.18
CA GLU B 374 15.91 -23.41 47.20
C GLU B 374 14.93 -24.56 46.93
N GLN B 375 13.72 -24.27 46.47
CA GLN B 375 12.69 -25.32 46.23
C GLN B 375 13.18 -26.33 45.20
N LEU B 376 13.84 -25.90 44.13
CA LEU B 376 14.09 -26.79 42.98
C LEU B 376 15.51 -27.38 43.00
N VAL B 377 16.53 -26.71 43.54
CA VAL B 377 17.89 -27.29 43.38
CA VAL B 377 17.98 -27.03 43.38
C VAL B 377 18.65 -27.42 44.71
N ALA B 378 18.08 -27.07 45.86
CA ALA B 378 18.78 -27.32 47.16
C ALA B 378 19.11 -28.81 47.26
ZN ZN C . -5.29 14.17 -28.63
CL CL D . 0.33 17.76 -48.25
CL CL E . -3.40 26.41 -16.94
CL CL F . -19.89 30.16 -52.49
CL CL G . -14.59 -2.22 -22.31
CL CL H . -15.27 21.80 -51.01
CL CL I . -17.49 16.08 -19.26
CL CL J . -2.04 2.25 9.55
NA NA K . -25.03 32.00 -43.68
ZN ZN L . 13.14 -7.98 28.17
CL CL M . 19.29 -4.29 47.53
CL CL N . 18.16 -20.39 50.15
CL CL O . 0.88 -3.57 -10.81
CL CL P . 10.24 -21.19 18.56
CL CL Q . 7.23 -31.71 37.22
CL CL R . 34.77 -20.14 34.56
CL CL S . 24.30 -27.67 51.22
CL CL T . -10.42 -8.06 -14.10
NA NA U . 22.40 -34.21 41.65
NA NA V . -8.83 -18.96 26.99
#